data_7CDD
#
_entry.id   7CDD
#
_cell.length_a   121.987
_cell.length_b   180.515
_cell.length_c   233.154
_cell.angle_alpha   90.00
_cell.angle_beta   90.00
_cell.angle_gamma   90.00
#
_symmetry.space_group_name_H-M   'I 2 2 2'
#
loop_
_entity.id
_entity.type
_entity.pdbx_description
1 polymer 'Lysine-specific histone demethylase 1A'
2 polymer 'REST corepressor 1'
3 polymer PRO-ARG-SER-PHE-LEU-VAL-ARG-ARG
4 non-polymer 'FLAVIN-ADENINE DINUCLEOTIDE'
5 non-polymer GLYCEROL
6 water water
#
loop_
_entity_poly.entity_id
_entity_poly.type
_entity_poly.pdbx_seq_one_letter_code
_entity_poly.pdbx_strand_id
1 'polypeptide(L)'
;GPLGSHMSGVEGAAFQSRLPHDRMTSQEAACFPDIISGPQQTQKVFLFIRNRTLQLWLDNPKIQLTFEATLQQLEAPYNS
DTVLVHRVHSYLERHGLINFGIYKRIKPLPTKKTGKVIIIGSGVSGLAAARQLQSFGMDVTLLEARDRVGGRVATFRKGN
YVADLGAMVVTGLGGNPMAVVSKQVNMELAKIKQKCPLYEANGQAVPKEKDEMVEQEFNRLLEATSYLSHQLDFNVLNNK
PVSLGQALEVVIQLQEKHVKDEQIEHWKKIVKTQEELKELLNKMVNLKEKIKELHQQYKEASEVKPPRDITAEFLVKSKH
RDLTALCKEYDELAETQGKLEEKLQELEANPPSDVYLSSRDRQILDWHFANLEFANATPLSTLSLKHWDQDDDFEFTGSH
LTVRNGYSCVPVALAEGLDIKLNTAVRQVRYTASGCEVIAVNTRSTSQTFIYKCDAVLCTLPLGVLKQQPPAVQFVPPLP
EWKTSAVQRMGFGNLNKVVLCFDRVFWDPSVNLFGHVGSTTASRGELFLFWNLYKAPILLALVAGEAAGIMENISDDVIV
GRCLAILKGIFGSSAVPQPKETVVSRWRADPWARGSYSYVAAGSSGNDYDLMAQPITPGPSIPGAPQPIPRLFFAGEHTI
RNYPATVHGALLSGLREAGRIADQFLGAM
;
A
2 'polypeptide(L)'
;GSSGSASRKPPKGMFLSQEDVEAVSANATAATTVLRQLDMELVSVKRQIQNIKQTNSALKEKLDGGIEPYRLPEVIQKCN
ARWTTEEQLLAVQAIRKYGRDFQAISDVIGNKSVVQVKNFFVNYRRRFNIDEVLQEWEAE
;
B
3 'polypeptide(L)' PRSFLVRR C
#
loop_
_chem_comp.id
_chem_comp.type
_chem_comp.name
_chem_comp.formula
FAD non-polymer 'FLAVIN-ADENINE DINUCLEOTIDE' 'C27 H33 N9 O15 P2'
GOL non-polymer GLYCEROL 'C3 H8 O3'
#
# COMPACT_ATOMS: atom_id res chain seq x y z
N SER A 8 -14.16 -16.12 -26.16
CA SER A 8 -15.29 -17.03 -26.55
C SER A 8 -16.62 -16.46 -26.04
N GLY A 9 -17.74 -17.07 -26.46
CA GLY A 9 -19.10 -16.71 -25.99
C GLY A 9 -19.51 -17.56 -24.80
N VAL A 10 -19.36 -18.89 -24.90
CA VAL A 10 -19.71 -19.86 -23.82
C VAL A 10 -18.77 -19.63 -22.62
N GLU A 11 -17.48 -19.44 -22.88
CA GLU A 11 -16.44 -19.28 -21.82
C GLU A 11 -16.63 -17.91 -21.14
N GLY A 12 -17.06 -16.90 -21.89
CA GLY A 12 -17.29 -15.52 -21.39
C GLY A 12 -18.52 -15.42 -20.50
N ALA A 13 -19.46 -16.35 -20.66
CA ALA A 13 -20.71 -16.46 -19.85
C ALA A 13 -20.37 -17.01 -18.46
N ALA A 14 -19.46 -17.98 -18.40
CA ALA A 14 -18.88 -18.54 -17.14
C ALA A 14 -18.21 -17.41 -16.37
N PHE A 15 -17.40 -16.60 -17.06
CA PHE A 15 -16.67 -15.45 -16.49
C PHE A 15 -17.67 -14.41 -15.96
N GLN A 16 -18.72 -14.11 -16.72
CA GLN A 16 -19.75 -13.10 -16.36
C GLN A 16 -20.58 -13.62 -15.17
N SER A 17 -20.54 -14.93 -14.91
CA SER A 17 -21.25 -15.61 -13.80
C SER A 17 -20.28 -15.98 -12.67
N ARG A 18 -19.05 -15.47 -12.72
CA ARG A 18 -17.99 -15.66 -11.69
C ARG A 18 -17.70 -17.15 -11.50
N LEU A 19 -17.71 -17.92 -12.60
CA LEU A 19 -17.47 -19.38 -12.63
C LEU A 19 -16.27 -19.68 -13.51
N PRO A 20 -15.43 -20.68 -13.13
CA PRO A 20 -14.39 -21.17 -14.03
C PRO A 20 -14.99 -22.01 -15.16
N HIS A 21 -14.77 -21.59 -16.42
CA HIS A 21 -15.41 -22.17 -17.63
C HIS A 21 -15.00 -23.63 -17.84
N ASP A 22 -13.83 -24.04 -17.37
CA ASP A 22 -13.17 -25.33 -17.72
C ASP A 22 -13.09 -26.26 -16.50
N ARG A 23 -13.83 -25.98 -15.44
CA ARG A 23 -13.75 -26.78 -14.17
C ARG A 23 -15.08 -26.69 -13.40
N MET A 24 -15.40 -27.74 -12.64
CA MET A 24 -16.62 -27.81 -11.80
C MET A 24 -16.29 -27.24 -10.42
N THR A 25 -17.20 -26.40 -9.89
CA THR A 25 -17.08 -25.69 -8.58
C THR A 25 -17.45 -26.64 -7.44
N SER A 26 -17.17 -26.25 -6.20
CA SER A 26 -17.54 -26.99 -4.96
C SER A 26 -19.06 -27.16 -4.89
N GLN A 27 -19.81 -26.11 -5.23
CA GLN A 27 -21.31 -26.08 -5.19
C GLN A 27 -21.85 -27.12 -6.17
N GLU A 28 -21.23 -27.23 -7.35
CA GLU A 28 -21.63 -28.17 -8.43
C GLU A 28 -21.32 -29.61 -8.01
N ALA A 29 -20.11 -29.85 -7.48
CA ALA A 29 -19.71 -31.18 -6.96
C ALA A 29 -20.76 -31.70 -5.96
N ALA A 30 -21.37 -30.80 -5.18
CA ALA A 30 -22.34 -31.15 -4.12
C ALA A 30 -23.66 -31.63 -4.75
N CYS A 31 -24.09 -30.96 -5.83
CA CYS A 31 -25.38 -31.20 -6.54
C CYS A 31 -25.23 -32.21 -7.68
N PHE A 32 -23.99 -32.54 -8.09
CA PHE A 32 -23.67 -33.42 -9.25
C PHE A 32 -22.50 -34.32 -8.88
N PRO A 33 -22.53 -35.00 -7.72
CA PRO A 33 -21.42 -35.85 -7.29
C PRO A 33 -21.13 -36.98 -8.29
N ASP A 34 -22.19 -37.59 -8.81
CA ASP A 34 -22.13 -38.66 -9.85
C ASP A 34 -21.19 -38.22 -10.98
N ILE A 35 -21.32 -36.97 -11.44
CA ILE A 35 -20.63 -36.43 -12.64
C ILE A 35 -19.15 -36.13 -12.33
N ILE A 36 -18.89 -35.28 -11.34
CA ILE A 36 -17.52 -34.83 -10.98
C ILE A 36 -16.65 -36.02 -10.54
N SER A 37 -17.24 -37.06 -9.92
CA SER A 37 -16.52 -38.27 -9.42
C SER A 37 -16.28 -39.25 -10.57
N GLY A 38 -16.94 -39.03 -11.71
CA GLY A 38 -16.93 -39.92 -12.89
C GLY A 38 -15.97 -39.44 -13.97
N PRO A 39 -16.18 -39.87 -15.24
CA PRO A 39 -15.18 -39.68 -16.30
C PRO A 39 -15.15 -38.29 -16.97
N GLN A 40 -13.96 -37.87 -17.40
CA GLN A 40 -13.66 -36.50 -17.91
C GLN A 40 -14.68 -36.07 -18.98
N GLN A 41 -15.08 -37.00 -19.86
CA GLN A 41 -15.95 -36.70 -21.03
C GLN A 41 -17.26 -36.07 -20.53
N THR A 42 -17.96 -36.75 -19.61
CA THR A 42 -19.28 -36.34 -19.06
C THR A 42 -19.16 -34.93 -18.44
N GLN A 43 -18.03 -34.61 -17.81
CA GLN A 43 -17.80 -33.31 -17.12
C GLN A 43 -17.80 -32.17 -18.14
N LYS A 44 -17.11 -32.34 -19.28
CA LYS A 44 -17.04 -31.32 -20.37
C LYS A 44 -18.44 -31.10 -20.96
N VAL A 45 -19.25 -32.16 -20.97
CA VAL A 45 -20.69 -32.12 -21.39
C VAL A 45 -21.45 -31.25 -20.37
N PHE A 46 -21.32 -31.59 -19.08
CA PHE A 46 -21.89 -30.82 -17.95
C PHE A 46 -21.47 -29.34 -18.13
N LEU A 47 -20.16 -29.11 -18.19
CA LEU A 47 -19.57 -27.74 -18.23
C LEU A 47 -20.10 -26.98 -19.46
N PHE A 48 -20.27 -27.64 -20.60
CA PHE A 48 -20.81 -26.98 -21.83
C PHE A 48 -22.30 -26.62 -21.61
N ILE A 49 -23.09 -27.58 -21.12
CA ILE A 49 -24.57 -27.37 -20.92
C ILE A 49 -24.71 -26.16 -20.00
N ARG A 50 -23.97 -26.18 -18.88
CA ARG A 50 -23.93 -25.10 -17.87
C ARG A 50 -23.57 -23.78 -18.56
N ASN A 51 -22.38 -23.71 -19.14
CA ASN A 51 -21.81 -22.49 -19.78
C ASN A 51 -22.82 -21.95 -20.81
N ARG A 52 -23.46 -22.84 -21.57
CA ARG A 52 -24.39 -22.49 -22.69
C ARG A 52 -25.69 -21.91 -22.13
N THR A 53 -26.33 -22.62 -21.19
CA THR A 53 -27.56 -22.16 -20.48
C THR A 53 -27.34 -20.73 -19.96
N LEU A 54 -26.19 -20.49 -19.34
CA LEU A 54 -25.79 -19.16 -18.80
C LEU A 54 -25.73 -18.15 -19.95
N GLN A 55 -25.02 -18.49 -21.02
CA GLN A 55 -24.87 -17.65 -22.24
C GLN A 55 -26.27 -17.17 -22.67
N LEU A 56 -27.21 -18.11 -22.79
CA LEU A 56 -28.59 -17.85 -23.27
C LEU A 56 -29.28 -16.84 -22.36
N TRP A 57 -29.27 -17.10 -21.03
CA TRP A 57 -29.84 -16.19 -20.00
C TRP A 57 -29.24 -14.79 -20.14
N LEU A 58 -27.91 -14.70 -20.24
CA LEU A 58 -27.16 -13.41 -20.20
C LEU A 58 -27.44 -12.60 -21.47
N ASP A 59 -27.55 -13.29 -22.61
CA ASP A 59 -27.81 -12.70 -23.96
C ASP A 59 -29.19 -12.03 -23.97
N ASN A 60 -30.14 -12.53 -23.17
CA ASN A 60 -31.48 -11.90 -23.01
C ASN A 60 -32.01 -12.13 -21.59
N PRO A 61 -31.61 -11.27 -20.63
CA PRO A 61 -32.01 -11.45 -19.23
C PRO A 61 -33.32 -10.74 -18.87
N LYS A 62 -34.07 -10.25 -19.87
CA LYS A 62 -35.34 -9.50 -19.68
C LYS A 62 -36.54 -10.44 -19.73
N ILE A 63 -36.33 -11.73 -20.04
CA ILE A 63 -37.41 -12.76 -20.11
C ILE A 63 -36.89 -14.09 -19.54
N GLN A 64 -37.74 -14.81 -18.82
CA GLN A 64 -37.44 -16.12 -18.19
C GLN A 64 -36.85 -17.07 -19.24
N LEU A 65 -35.71 -17.70 -18.94
CA LEU A 65 -35.18 -18.85 -19.71
C LEU A 65 -35.71 -20.14 -19.09
N THR A 66 -36.69 -20.77 -19.73
CA THR A 66 -37.33 -22.04 -19.30
C THR A 66 -36.44 -23.23 -19.68
N PHE A 67 -36.72 -24.40 -19.11
CA PHE A 67 -36.02 -25.67 -19.41
C PHE A 67 -36.19 -26.02 -20.89
N GLU A 68 -37.41 -25.86 -21.39
CA GLU A 68 -37.80 -26.17 -22.78
C GLU A 68 -36.95 -25.30 -23.72
N ALA A 69 -36.99 -23.98 -23.51
CA ALA A 69 -36.24 -22.97 -24.31
C ALA A 69 -34.76 -23.35 -24.37
N THR A 70 -34.20 -23.89 -23.29
CA THR A 70 -32.77 -24.26 -23.15
C THR A 70 -32.47 -25.46 -24.06
N LEU A 71 -33.26 -26.53 -23.92
CA LEU A 71 -33.12 -27.81 -24.67
C LEU A 71 -33.27 -27.54 -26.17
N GLN A 72 -34.23 -26.69 -26.54
CA GLN A 72 -34.48 -26.23 -27.95
C GLN A 72 -33.16 -25.80 -28.58
N GLN A 73 -32.42 -24.90 -27.92
CA GLN A 73 -31.25 -24.19 -28.51
C GLN A 73 -29.95 -24.95 -28.25
N LEU A 74 -30.02 -26.12 -27.61
CA LEU A 74 -28.84 -27.01 -27.41
C LEU A 74 -28.70 -27.95 -28.62
N GLU A 75 -27.53 -27.96 -29.26
CA GLU A 75 -27.19 -28.88 -30.37
C GLU A 75 -26.64 -30.18 -29.78
N ALA A 76 -26.79 -31.30 -30.51
CA ALA A 76 -26.28 -32.63 -30.15
C ALA A 76 -24.75 -32.61 -30.19
N PRO A 77 -24.04 -33.45 -29.41
CA PRO A 77 -24.66 -34.47 -28.56
C PRO A 77 -25.07 -33.99 -27.15
N TYR A 78 -25.16 -32.67 -26.94
CA TYR A 78 -25.42 -32.04 -25.62
C TYR A 78 -26.91 -32.05 -25.29
N ASN A 79 -27.77 -32.17 -26.32
CA ASN A 79 -29.25 -32.28 -26.16
C ASN A 79 -29.66 -33.75 -26.06
N SER A 80 -28.70 -34.68 -26.25
CA SER A 80 -28.87 -36.14 -26.08
C SER A 80 -29.56 -36.42 -24.73
N ASP A 81 -28.87 -36.09 -23.63
CA ASP A 81 -29.30 -36.41 -22.24
C ASP A 81 -30.21 -35.29 -21.74
N THR A 82 -31.52 -35.55 -21.63
CA THR A 82 -32.55 -34.52 -21.30
C THR A 82 -32.66 -34.35 -19.77
N VAL A 83 -32.41 -35.41 -19.00
CA VAL A 83 -32.42 -35.34 -17.50
C VAL A 83 -31.22 -34.50 -17.04
N LEU A 84 -30.03 -34.74 -17.60
CA LEU A 84 -28.80 -33.95 -17.29
C LEU A 84 -29.10 -32.47 -17.53
N VAL A 85 -29.62 -32.12 -18.71
CA VAL A 85 -29.97 -30.70 -19.09
C VAL A 85 -30.97 -30.15 -18.05
N HIS A 86 -31.92 -30.96 -17.60
CA HIS A 86 -32.99 -30.54 -16.64
C HIS A 86 -32.38 -30.29 -15.26
N ARG A 87 -31.44 -31.13 -14.83
CA ARG A 87 -30.71 -30.97 -13.53
C ARG A 87 -29.89 -29.68 -13.56
N VAL A 88 -29.09 -29.49 -14.62
CA VAL A 88 -28.25 -28.27 -14.83
C VAL A 88 -29.16 -27.05 -14.80
N HIS A 89 -30.24 -27.03 -15.58
CA HIS A 89 -31.14 -25.85 -15.67
C HIS A 89 -31.68 -25.54 -14.26
N SER A 90 -32.11 -26.57 -13.53
CA SER A 90 -32.79 -26.43 -12.21
C SER A 90 -31.80 -25.85 -11.18
N TYR A 91 -30.60 -26.44 -11.10
CA TYR A 91 -29.47 -25.97 -10.26
C TYR A 91 -29.25 -24.46 -10.50
N LEU A 92 -29.08 -24.06 -11.77
CA LEU A 92 -28.80 -22.66 -12.15
C LEU A 92 -29.94 -21.75 -11.67
N GLU A 93 -31.20 -22.16 -11.89
CA GLU A 93 -32.40 -21.34 -11.58
C GLU A 93 -32.51 -21.13 -10.07
N ARG A 94 -32.18 -22.18 -9.31
CA ARG A 94 -32.36 -22.30 -7.84
C ARG A 94 -31.34 -21.40 -7.14
N HIS A 95 -30.08 -21.51 -7.55
CA HIS A 95 -28.93 -20.73 -7.04
C HIS A 95 -28.86 -19.34 -7.69
N GLY A 96 -29.85 -18.97 -8.51
CA GLY A 96 -30.05 -17.58 -9.00
C GLY A 96 -28.97 -17.14 -9.97
N LEU A 97 -28.36 -18.07 -10.70
CA LEU A 97 -27.39 -17.78 -11.79
C LEU A 97 -28.14 -17.43 -13.09
N ILE A 98 -29.36 -17.96 -13.25
CA ILE A 98 -30.32 -17.59 -14.33
C ILE A 98 -31.65 -17.22 -13.68
N ASN A 99 -32.47 -16.43 -14.38
CA ASN A 99 -33.83 -16.03 -13.92
C ASN A 99 -33.70 -15.47 -12.51
N PHE A 100 -32.87 -14.43 -12.37
CA PHE A 100 -32.79 -13.57 -11.17
C PHE A 100 -33.07 -12.12 -11.59
N GLY A 101 -33.48 -11.30 -10.63
CA GLY A 101 -33.74 -9.86 -10.84
C GLY A 101 -35.15 -9.62 -11.33
N ILE A 102 -35.30 -8.79 -12.37
CA ILE A 102 -36.62 -8.35 -12.92
C ILE A 102 -36.70 -8.77 -14.39
N TYR A 103 -37.42 -9.86 -14.64
CA TYR A 103 -37.61 -10.48 -15.98
C TYR A 103 -39.10 -10.80 -16.15
N LYS A 104 -39.61 -10.71 -17.38
CA LYS A 104 -40.98 -11.13 -17.75
C LYS A 104 -41.05 -12.65 -17.62
N ARG A 105 -41.97 -13.14 -16.78
CA ARG A 105 -42.20 -14.59 -16.55
C ARG A 105 -43.03 -15.13 -17.72
N ILE A 106 -42.63 -16.26 -18.29
CA ILE A 106 -43.39 -16.95 -19.38
C ILE A 106 -44.63 -17.61 -18.75
N LYS A 107 -44.43 -18.67 -17.95
CA LYS A 107 -45.52 -19.40 -17.23
C LYS A 107 -45.84 -18.67 -15.93
N PRO A 108 -47.01 -17.97 -15.80
CA PRO A 108 -47.34 -17.22 -14.58
C PRO A 108 -47.25 -18.07 -13.31
N LEU A 109 -46.83 -17.46 -12.19
CA LEU A 109 -46.48 -18.17 -10.92
C LEU A 109 -47.75 -18.78 -10.33
N PRO A 110 -47.72 -20.07 -9.89
CA PRO A 110 -48.92 -20.74 -9.40
C PRO A 110 -49.48 -20.08 -8.14
N THR A 111 -50.81 -19.96 -8.06
CA THR A 111 -51.59 -19.33 -6.96
C THR A 111 -51.33 -20.10 -5.66
N LYS A 112 -51.12 -21.42 -5.75
CA LYS A 112 -50.87 -22.34 -4.60
C LYS A 112 -49.44 -22.12 -4.09
N LYS A 113 -49.30 -21.48 -2.93
CA LYS A 113 -47.98 -21.13 -2.32
C LYS A 113 -47.60 -22.15 -1.23
N THR A 114 -46.34 -22.57 -1.21
CA THR A 114 -45.75 -23.53 -0.24
C THR A 114 -44.82 -22.79 0.74
N GLY A 115 -45.05 -22.94 2.04
CA GLY A 115 -44.16 -22.40 3.08
C GLY A 115 -44.33 -20.90 3.25
N LYS A 116 -43.93 -20.37 4.42
CA LYS A 116 -44.03 -18.94 4.78
C LYS A 116 -42.67 -18.46 5.33
N VAL A 117 -42.14 -17.36 4.77
CA VAL A 117 -40.83 -16.75 5.17
C VAL A 117 -41.03 -15.27 5.50
N ILE A 118 -40.52 -14.84 6.65
CA ILE A 118 -40.36 -13.41 7.00
C ILE A 118 -38.92 -12.99 6.71
N ILE A 119 -38.75 -11.93 5.94
CA ILE A 119 -37.42 -11.32 5.60
C ILE A 119 -37.31 -9.99 6.35
N ILE A 120 -36.33 -9.89 7.25
CA ILE A 120 -36.07 -8.64 8.02
C ILE A 120 -35.18 -7.76 7.13
N GLY A 121 -35.70 -6.57 6.76
CA GLY A 121 -35.03 -5.56 5.93
C GLY A 121 -35.36 -5.72 4.45
N SER A 122 -35.66 -4.61 3.77
CA SER A 122 -35.90 -4.55 2.30
C SER A 122 -34.82 -3.71 1.61
N GLY A 123 -33.57 -3.82 2.09
CA GLY A 123 -32.37 -3.50 1.32
C GLY A 123 -32.15 -4.51 0.21
N VAL A 124 -31.07 -4.39 -0.56
CA VAL A 124 -30.88 -5.19 -1.79
C VAL A 124 -30.81 -6.68 -1.42
N SER A 125 -30.07 -7.04 -0.36
CA SER A 125 -29.97 -8.46 0.08
C SER A 125 -31.38 -9.02 0.30
N GLY A 126 -32.21 -8.32 1.08
CA GLY A 126 -33.62 -8.67 1.37
C GLY A 126 -34.45 -8.82 0.10
N LEU A 127 -34.41 -7.82 -0.78
CA LEU A 127 -35.27 -7.75 -2.01
C LEU A 127 -34.86 -8.87 -2.97
N ALA A 128 -33.56 -9.07 -3.16
CA ALA A 128 -33.03 -10.12 -4.07
C ALA A 128 -33.58 -11.48 -3.60
N ALA A 129 -33.49 -11.78 -2.31
CA ALA A 129 -33.96 -13.05 -1.71
C ALA A 129 -35.48 -13.20 -1.92
N ALA A 130 -36.24 -12.18 -1.50
CA ALA A 130 -37.71 -12.12 -1.60
C ALA A 130 -38.18 -12.48 -3.00
N ARG A 131 -37.64 -11.84 -4.04
CA ARG A 131 -37.99 -12.15 -5.46
C ARG A 131 -37.75 -13.64 -5.74
N GLN A 132 -36.56 -14.15 -5.45
CA GLN A 132 -36.19 -15.57 -5.72
C GLN A 132 -37.22 -16.51 -5.07
N LEU A 133 -37.58 -16.27 -3.80
CA LEU A 133 -38.45 -17.17 -3.00
C LEU A 133 -39.87 -17.16 -3.60
N GLN A 134 -40.41 -15.97 -3.87
CA GLN A 134 -41.70 -15.79 -4.57
C GLN A 134 -41.67 -16.54 -5.92
N SER A 135 -40.60 -16.39 -6.71
CA SER A 135 -40.39 -17.13 -7.99
C SER A 135 -40.51 -18.64 -7.76
N PHE A 136 -40.09 -19.13 -6.59
CA PHE A 136 -40.10 -20.58 -6.24
C PHE A 136 -41.45 -20.95 -5.61
N GLY A 137 -42.35 -19.99 -5.46
CA GLY A 137 -43.73 -20.18 -5.00
C GLY A 137 -43.84 -20.28 -3.49
N MET A 138 -43.00 -19.57 -2.73
CA MET A 138 -43.15 -19.44 -1.26
C MET A 138 -43.93 -18.16 -0.99
N ASP A 139 -44.56 -18.08 0.18
CA ASP A 139 -45.23 -16.84 0.68
C ASP A 139 -44.14 -16.03 1.40
N VAL A 140 -43.85 -14.83 0.89
CA VAL A 140 -42.77 -13.95 1.41
C VAL A 140 -43.40 -12.65 1.93
N THR A 141 -42.94 -12.17 3.08
CA THR A 141 -43.25 -10.81 3.60
C THR A 141 -41.96 -10.19 4.13
N LEU A 142 -41.66 -8.96 3.71
CA LEU A 142 -40.49 -8.19 4.17
C LEU A 142 -40.96 -7.20 5.24
N LEU A 143 -40.25 -7.14 6.37
CA LEU A 143 -40.45 -6.12 7.42
C LEU A 143 -39.30 -5.12 7.33
N GLU A 144 -39.63 -3.84 7.13
CA GLU A 144 -38.69 -2.72 6.89
C GLU A 144 -39.00 -1.62 7.89
N ALA A 145 -38.01 -1.21 8.70
CA ALA A 145 -38.14 -0.14 9.71
C ALA A 145 -38.34 1.22 9.03
N ARG A 146 -37.63 1.47 7.93
CA ARG A 146 -37.67 2.77 7.22
C ARG A 146 -39.02 2.94 6.51
N ASP A 147 -39.31 4.16 6.07
CA ASP A 147 -40.49 4.53 5.25
C ASP A 147 -40.21 4.27 3.76
N ARG A 148 -39.12 3.54 3.43
CA ARG A 148 -38.70 3.28 2.03
C ARG A 148 -37.87 2.01 1.93
N VAL A 149 -37.76 1.47 0.72
CA VAL A 149 -36.88 0.31 0.40
C VAL A 149 -35.47 0.82 0.09
N GLY A 150 -34.50 -0.09 -0.09
CA GLY A 150 -33.14 0.18 -0.58
C GLY A 150 -32.09 0.13 0.51
N GLY A 151 -32.46 0.58 1.71
CA GLY A 151 -31.57 0.57 2.88
C GLY A 151 -30.37 1.47 2.67
N ARG A 152 -29.16 0.89 2.63
CA ARG A 152 -27.89 1.64 2.47
C ARG A 152 -27.71 2.05 1.00
N VAL A 153 -28.67 1.69 0.14
CA VAL A 153 -28.88 2.36 -1.17
C VAL A 153 -29.95 3.44 -0.96
N ALA A 154 -29.51 4.68 -0.78
CA ALA A 154 -30.33 5.86 -0.48
C ALA A 154 -29.97 6.97 -1.47
N THR A 155 -30.97 7.49 -2.17
CA THR A 155 -30.82 8.51 -3.24
C THR A 155 -31.61 9.76 -2.84
N PHE A 156 -30.94 10.92 -2.77
CA PHE A 156 -31.57 12.24 -2.50
C PHE A 156 -32.25 12.71 -3.80
N ARG A 157 -33.45 13.31 -3.67
CA ARG A 157 -34.24 13.86 -4.81
C ARG A 157 -35.02 15.09 -4.34
N LYS A 158 -34.67 16.25 -4.91
CA LYS A 158 -35.49 17.50 -4.88
C LYS A 158 -35.38 18.12 -6.27
N GLY A 159 -36.52 18.33 -6.95
CA GLY A 159 -36.55 18.76 -8.37
C GLY A 159 -35.65 17.89 -9.22
N ASN A 160 -34.83 18.51 -10.08
CA ASN A 160 -33.91 17.80 -11.03
C ASN A 160 -32.63 17.36 -10.31
N TYR A 161 -32.42 17.82 -9.08
CA TYR A 161 -31.27 17.39 -8.23
C TYR A 161 -31.46 15.90 -7.86
N VAL A 162 -30.40 15.12 -8.02
CA VAL A 162 -30.33 13.65 -7.78
C VAL A 162 -28.91 13.32 -7.30
N ALA A 163 -28.78 12.71 -6.11
CA ALA A 163 -27.46 12.44 -5.47
C ALA A 163 -27.57 11.31 -4.44
N ASP A 164 -26.76 10.26 -4.63
CA ASP A 164 -26.71 9.07 -3.73
C ASP A 164 -25.96 9.42 -2.44
N LEU A 165 -26.59 9.18 -1.30
CA LEU A 165 -25.97 9.30 0.05
C LEU A 165 -25.38 7.95 0.48
N GLY A 166 -25.76 6.87 -0.22
CA GLY A 166 -25.25 5.51 0.03
C GLY A 166 -24.42 5.04 -1.14
N ALA A 167 -24.57 3.77 -1.53
CA ALA A 167 -23.90 3.20 -2.71
C ALA A 167 -24.06 4.16 -3.89
N MET A 168 -22.98 4.33 -4.65
CA MET A 168 -22.86 5.34 -5.74
C MET A 168 -22.25 4.72 -7.01
N VAL A 169 -21.39 3.70 -6.84
CA VAL A 169 -20.44 3.24 -7.87
C VAL A 169 -20.64 1.74 -8.15
N VAL A 170 -20.73 1.38 -9.43
CA VAL A 170 -20.65 -0.02 -9.91
C VAL A 170 -19.18 -0.31 -10.18
N THR A 171 -18.56 -1.24 -9.43
CA THR A 171 -17.08 -1.43 -9.43
C THR A 171 -16.70 -2.37 -10.58
N GLY A 172 -17.15 -2.04 -11.80
CA GLY A 172 -16.86 -2.79 -13.04
C GLY A 172 -17.98 -3.75 -13.38
N LEU A 173 -18.22 -4.00 -14.67
CA LEU A 173 -19.32 -4.90 -15.16
C LEU A 173 -18.78 -6.31 -15.42
N GLY A 174 -17.45 -6.49 -15.38
CA GLY A 174 -16.80 -7.76 -15.75
C GLY A 174 -16.96 -8.82 -14.68
N GLY A 175 -18.07 -9.56 -14.74
CA GLY A 175 -18.41 -10.61 -13.75
C GLY A 175 -19.39 -10.10 -12.72
N ASN A 176 -19.83 -8.85 -12.85
CA ASN A 176 -20.75 -8.16 -11.92
C ASN A 176 -22.18 -8.55 -12.29
N PRO A 177 -23.00 -9.05 -11.33
CA PRO A 177 -24.38 -9.38 -11.60
C PRO A 177 -25.26 -8.11 -11.75
N MET A 178 -24.71 -6.94 -11.43
CA MET A 178 -25.42 -5.64 -11.66
C MET A 178 -25.39 -5.30 -13.16
N ALA A 179 -24.51 -5.96 -13.92
CA ALA A 179 -24.50 -5.92 -15.40
C ALA A 179 -25.86 -6.41 -15.92
N VAL A 180 -26.29 -7.58 -15.44
CA VAL A 180 -27.62 -8.18 -15.74
C VAL A 180 -28.73 -7.23 -15.29
N VAL A 181 -28.61 -6.67 -14.09
CA VAL A 181 -29.70 -5.82 -13.50
C VAL A 181 -29.82 -4.54 -14.32
N SER A 182 -28.71 -4.02 -14.85
CA SER A 182 -28.65 -2.73 -15.60
C SER A 182 -29.39 -2.86 -16.94
N LYS A 183 -29.37 -4.06 -17.55
CA LYS A 183 -30.16 -4.37 -18.76
C LYS A 183 -31.65 -4.48 -18.38
N GLN A 184 -31.95 -5.13 -17.26
CA GLN A 184 -33.33 -5.42 -16.78
C GLN A 184 -34.02 -4.12 -16.33
N VAL A 185 -33.26 -3.22 -15.71
CA VAL A 185 -33.75 -1.91 -15.19
C VAL A 185 -32.98 -0.80 -15.89
N ASN A 186 -33.68 0.25 -16.32
CA ASN A 186 -33.03 1.47 -16.89
C ASN A 186 -32.24 2.16 -15.79
N MET A 187 -30.94 1.86 -15.70
CA MET A 187 -29.95 2.68 -14.97
C MET A 187 -29.14 3.45 -16.02
N GLU A 188 -28.89 4.73 -15.78
CA GLU A 188 -27.97 5.54 -16.61
C GLU A 188 -26.55 5.38 -16.04
N LEU A 189 -25.81 4.40 -16.55
CA LEU A 189 -24.41 4.11 -16.15
C LEU A 189 -23.44 4.99 -16.94
N ALA A 190 -22.71 5.87 -16.24
CA ALA A 190 -21.71 6.81 -16.78
C ALA A 190 -20.33 6.45 -16.22
N LYS A 191 -19.36 6.17 -17.10
CA LYS A 191 -17.94 5.87 -16.73
C LYS A 191 -17.39 7.04 -15.90
N ILE A 192 -16.49 6.74 -14.95
CA ILE A 192 -15.76 7.71 -14.11
C ILE A 192 -14.39 7.96 -14.76
N LYS A 193 -14.07 9.21 -15.06
CA LYS A 193 -12.76 9.62 -15.63
C LYS A 193 -11.75 9.64 -14.47
N GLN A 194 -10.70 8.82 -14.58
CA GLN A 194 -9.75 8.50 -13.46
C GLN A 194 -8.93 9.73 -13.06
N LYS A 195 -8.97 10.82 -13.83
CA LYS A 195 -8.18 12.04 -13.58
C LYS A 195 -8.72 12.76 -12.33
N CYS A 196 -7.87 12.92 -11.31
CA CYS A 196 -8.23 13.49 -9.98
C CYS A 196 -7.11 14.42 -9.49
N PRO A 197 -7.13 15.72 -9.84
CA PRO A 197 -6.13 16.66 -9.33
C PRO A 197 -6.29 16.92 -7.82
N LEU A 198 -5.18 16.97 -7.08
CA LEU A 198 -5.11 17.34 -5.64
C LEU A 198 -4.96 18.86 -5.50
N TYR A 199 -5.30 19.40 -4.33
CA TYR A 199 -5.26 20.86 -4.01
C TYR A 199 -4.98 21.01 -2.52
N GLU A 200 -3.81 21.56 -2.17
CA GLU A 200 -3.31 21.61 -0.77
C GLU A 200 -4.16 22.60 0.04
N ALA A 201 -3.88 22.73 1.34
CA ALA A 201 -4.68 23.49 2.32
C ALA A 201 -5.05 24.89 1.79
N ASN A 202 -4.17 25.51 1.00
CA ASN A 202 -4.27 26.92 0.53
C ASN A 202 -5.20 27.02 -0.69
N GLY A 203 -5.11 26.07 -1.62
CA GLY A 203 -5.84 26.07 -2.90
C GLY A 203 -4.95 25.78 -4.10
N GLN A 204 -3.65 25.57 -3.88
CA GLN A 204 -2.64 25.37 -4.96
C GLN A 204 -2.55 23.89 -5.33
N ALA A 205 -2.90 23.53 -6.56
CA ALA A 205 -2.73 22.17 -7.13
C ALA A 205 -1.31 21.69 -6.80
N VAL A 206 -1.17 20.42 -6.40
CA VAL A 206 0.17 19.81 -6.13
C VAL A 206 0.93 19.81 -7.46
N PRO A 207 2.22 20.22 -7.47
CA PRO A 207 3.05 20.13 -8.67
C PRO A 207 3.15 18.71 -9.23
N LYS A 208 2.97 18.56 -10.55
CA LYS A 208 2.87 17.25 -11.25
C LYS A 208 4.00 16.31 -10.81
N GLU A 209 5.24 16.81 -10.71
CA GLU A 209 6.43 15.99 -10.36
C GLU A 209 6.26 15.45 -8.93
N LYS A 210 5.82 16.30 -8.00
CA LYS A 210 5.66 15.97 -6.55
C LYS A 210 4.49 14.99 -6.39
N ASP A 211 3.34 15.31 -7.00
CA ASP A 211 2.13 14.47 -6.99
C ASP A 211 2.51 13.02 -7.33
N GLU A 212 3.15 12.82 -8.48
CA GLU A 212 3.62 11.50 -8.98
C GLU A 212 4.55 10.84 -7.94
N MET A 213 5.36 11.63 -7.26
CA MET A 213 6.44 11.15 -6.33
C MET A 213 5.81 10.54 -5.08
N VAL A 214 4.80 11.22 -4.51
CA VAL A 214 4.11 10.79 -3.24
C VAL A 214 3.24 9.57 -3.55
N GLU A 215 2.41 9.66 -4.60
CA GLU A 215 1.55 8.54 -5.08
C GLU A 215 2.40 7.28 -5.24
N GLN A 216 3.58 7.37 -5.85
CA GLN A 216 4.48 6.20 -6.05
C GLN A 216 4.97 5.71 -4.68
N GLU A 217 5.24 6.63 -3.75
CA GLU A 217 5.74 6.27 -2.39
C GLU A 217 4.62 5.53 -1.64
N PHE A 218 3.39 6.02 -1.74
CA PHE A 218 2.16 5.40 -1.14
C PHE A 218 2.03 3.93 -1.58
N ASN A 219 2.08 3.68 -2.89
CA ASN A 219 1.95 2.30 -3.46
C ASN A 219 3.10 1.43 -2.95
N ARG A 220 4.31 1.98 -2.89
CA ARG A 220 5.53 1.26 -2.41
C ARG A 220 5.38 0.98 -0.92
N LEU A 221 4.87 1.95 -0.16
CA LEU A 221 4.57 1.80 1.30
C LEU A 221 3.56 0.67 1.50
N LEU A 222 2.46 0.67 0.73
CA LEU A 222 1.43 -0.40 0.83
C LEU A 222 2.08 -1.75 0.53
N GLU A 223 2.69 -1.87 -0.65
CA GLU A 223 3.37 -3.11 -1.12
C GLU A 223 4.31 -3.61 0.00
N ALA A 224 4.96 -2.70 0.73
CA ALA A 224 5.89 -3.01 1.84
C ALA A 224 5.16 -3.67 3.01
N THR A 225 4.00 -3.15 3.40
CA THR A 225 3.16 -3.72 4.50
C THR A 225 2.79 -5.16 4.16
N SER A 226 2.50 -5.44 2.88
CA SER A 226 2.17 -6.81 2.39
C SER A 226 3.38 -7.73 2.55
N TYR A 227 4.56 -7.27 2.11
CA TYR A 227 5.84 -8.00 2.26
C TYR A 227 6.08 -8.27 3.74
N LEU A 228 5.97 -7.21 4.55
CA LEU A 228 6.12 -7.26 6.03
C LEU A 228 5.16 -8.32 6.60
N SER A 229 3.93 -8.39 6.07
CA SER A 229 2.88 -9.33 6.52
C SER A 229 3.22 -10.78 6.11
N HIS A 230 3.39 -11.04 4.81
CA HIS A 230 3.45 -12.42 4.24
C HIS A 230 4.85 -13.02 4.41
N GLN A 231 5.91 -12.27 4.08
CA GLN A 231 7.31 -12.78 4.00
C GLN A 231 7.96 -12.75 5.39
N LEU A 232 7.82 -11.66 6.15
CA LEU A 232 8.45 -11.51 7.49
C LEU A 232 7.51 -12.01 8.59
N ASP A 233 6.23 -12.23 8.27
CA ASP A 233 5.20 -12.83 9.17
C ASP A 233 4.99 -11.93 10.41
N PHE A 234 5.02 -10.61 10.21
CA PHE A 234 4.85 -9.58 11.28
C PHE A 234 3.35 -9.31 11.45
N ASN A 235 2.63 -10.26 12.04
CA ASN A 235 1.14 -10.23 12.13
C ASN A 235 0.66 -10.23 13.59
N VAL A 236 1.56 -10.40 14.56
CA VAL A 236 1.23 -10.25 16.01
C VAL A 236 2.32 -9.40 16.68
N LEU A 237 1.93 -8.59 17.66
CA LEU A 237 2.82 -7.66 18.42
C LEU A 237 2.21 -7.39 19.79
N ASN A 238 2.79 -7.99 20.85
CA ASN A 238 2.36 -7.85 22.27
C ASN A 238 1.06 -8.65 22.48
N ASN A 239 0.94 -9.80 21.81
CA ASN A 239 -0.25 -10.69 21.89
C ASN A 239 -1.48 -9.92 21.39
N LYS A 240 -1.32 -9.13 20.33
CA LYS A 240 -2.41 -8.36 19.67
C LYS A 240 -2.22 -8.41 18.16
N PRO A 241 -3.32 -8.50 17.37
CA PRO A 241 -3.19 -8.52 15.91
C PRO A 241 -2.65 -7.18 15.41
N VAL A 242 -1.75 -7.23 14.43
CA VAL A 242 -1.10 -6.01 13.84
C VAL A 242 -2.11 -5.35 12.90
N SER A 243 -2.36 -4.06 13.14
CA SER A 243 -3.15 -3.15 12.27
C SER A 243 -2.37 -2.87 10.99
N LEU A 244 -3.05 -2.44 9.92
CA LEU A 244 -2.41 -1.91 8.69
C LEU A 244 -1.73 -0.58 9.02
N GLY A 245 -2.42 0.30 9.75
CA GLY A 245 -1.87 1.54 10.33
C GLY A 245 -0.54 1.32 11.04
N GLN A 246 -0.48 0.37 11.97
CA GLN A 246 0.76 0.00 12.71
C GLN A 246 1.87 -0.35 11.72
N ALA A 247 1.57 -1.20 10.74
CA ALA A 247 2.54 -1.70 9.73
C ALA A 247 3.07 -0.53 8.91
N LEU A 248 2.21 0.42 8.55
CA LEU A 248 2.60 1.63 7.75
C LEU A 248 3.51 2.54 8.60
N GLU A 249 3.18 2.77 9.88
CA GLU A 249 4.04 3.50 10.83
C GLU A 249 5.43 2.84 10.84
N VAL A 250 5.47 1.53 11.04
CA VAL A 250 6.73 0.73 11.18
C VAL A 250 7.51 0.79 9.87
N VAL A 251 6.85 0.73 8.72
CA VAL A 251 7.52 0.76 7.39
C VAL A 251 8.09 2.17 7.17
N ILE A 252 7.34 3.20 7.53
CA ILE A 252 7.77 4.63 7.41
C ILE A 252 9.00 4.85 8.30
N GLN A 253 8.93 4.43 9.56
CA GLN A 253 10.03 4.59 10.56
C GLN A 253 11.30 3.95 10.01
N LEU A 254 11.20 2.74 9.43
CA LEU A 254 12.36 2.02 8.84
C LEU A 254 12.90 2.78 7.62
N GLN A 255 12.06 3.55 6.91
CA GLN A 255 12.49 4.37 5.76
C GLN A 255 13.21 5.62 6.28
N GLU A 256 12.73 6.20 7.39
CA GLU A 256 13.40 7.33 8.09
C GLU A 256 14.75 6.85 8.65
N LYS A 257 14.79 5.65 9.24
CA LYS A 257 16.03 5.04 9.78
C LYS A 257 17.06 4.90 8.66
N HIS A 258 16.67 4.42 7.49
CA HIS A 258 17.58 4.21 6.33
C HIS A 258 18.10 5.57 5.83
N VAL A 259 17.29 6.62 5.82
CA VAL A 259 17.74 7.99 5.41
C VAL A 259 18.91 8.42 6.32
N LYS A 260 18.74 8.26 7.63
CA LYS A 260 19.74 8.61 8.68
C LYS A 260 20.96 7.68 8.53
N ASP A 261 20.76 6.36 8.57
CA ASP A 261 21.83 5.34 8.38
C ASP A 261 22.69 5.70 7.15
N GLU A 262 22.08 6.25 6.11
CA GLU A 262 22.73 6.60 4.81
C GLU A 262 23.66 7.79 5.03
N GLN A 263 23.13 8.88 5.59
CA GLN A 263 23.90 10.11 5.92
C GLN A 263 25.12 9.73 6.77
N ILE A 264 24.91 8.95 7.82
CA ILE A 264 25.97 8.49 8.76
C ILE A 264 27.10 7.84 7.95
N GLU A 265 26.81 6.82 7.15
CA GLU A 265 27.83 6.05 6.37
C GLU A 265 28.58 6.99 5.41
N HIS A 266 27.90 8.04 4.89
CA HIS A 266 28.45 9.04 3.94
C HIS A 266 29.44 9.97 4.66
N TRP A 267 29.02 10.58 5.77
CA TRP A 267 29.90 11.45 6.61
C TRP A 267 31.04 10.63 7.20
N LYS A 268 30.79 9.38 7.63
CA LYS A 268 31.81 8.48 8.22
C LYS A 268 32.93 8.17 7.21
N LYS A 269 32.67 8.29 5.91
CA LYS A 269 33.69 8.05 4.86
C LYS A 269 34.32 9.38 4.44
N ILE A 270 33.72 10.51 4.79
CA ILE A 270 34.34 11.86 4.64
C ILE A 270 35.42 12.03 5.73
N VAL A 271 35.13 11.68 7.00
CA VAL A 271 36.12 11.81 8.11
C VAL A 271 37.27 10.82 7.87
N LYS A 272 36.99 9.63 7.32
CA LYS A 272 38.04 8.63 7.05
C LYS A 272 39.02 9.20 6.01
N THR A 273 38.52 10.03 5.08
CA THR A 273 39.32 10.71 4.03
C THR A 273 40.07 11.90 4.67
N GLN A 274 39.37 12.72 5.47
CA GLN A 274 39.97 13.89 6.17
C GLN A 274 41.07 13.43 7.14
N GLU A 275 41.02 12.19 7.65
CA GLU A 275 42.01 11.63 8.60
C GLU A 275 43.18 10.99 7.82
N GLU A 276 42.96 10.55 6.59
CA GLU A 276 44.04 10.19 5.64
C GLU A 276 44.83 11.45 5.29
N LEU A 277 44.13 12.55 5.03
CA LEU A 277 44.70 13.86 4.59
C LEU A 277 45.52 14.46 5.73
N LYS A 278 44.97 14.47 6.95
CA LYS A 278 45.67 14.94 8.18
C LYS A 278 46.99 14.19 8.35
N GLU A 279 46.96 12.86 8.25
CA GLU A 279 48.15 11.98 8.40
C GLU A 279 49.17 12.31 7.31
N LEU A 280 48.71 12.66 6.10
CA LEU A 280 49.59 13.00 4.95
C LEU A 280 50.17 14.41 5.15
N LEU A 281 49.33 15.40 5.45
CA LEU A 281 49.77 16.81 5.67
C LEU A 281 50.83 16.86 6.78
N ASN A 282 50.62 16.13 7.89
CA ASN A 282 51.61 16.02 9.01
C ASN A 282 52.94 15.51 8.45
N LYS A 283 52.90 14.48 7.59
CA LYS A 283 54.11 13.86 6.99
C LYS A 283 54.79 14.88 6.05
N MET A 284 54.01 15.68 5.33
CA MET A 284 54.49 16.69 4.35
C MET A 284 55.09 17.90 5.09
N VAL A 285 54.53 18.26 6.26
CA VAL A 285 55.01 19.42 7.09
C VAL A 285 56.39 19.07 7.67
N ASN A 286 56.53 17.86 8.24
CA ASN A 286 57.78 17.36 8.86
C ASN A 286 58.86 17.16 7.78
N LEU A 287 58.47 16.85 6.55
CA LEU A 287 59.40 16.66 5.41
C LEU A 287 59.84 18.04 4.88
N LYS A 288 58.96 19.04 4.91
CA LYS A 288 59.31 20.42 4.45
C LYS A 288 60.36 20.99 5.41
N GLU A 289 60.23 20.72 6.71
CA GLU A 289 61.20 21.14 7.75
C GLU A 289 62.55 20.47 7.47
N LYS A 290 62.56 19.16 7.23
CA LYS A 290 63.81 18.39 6.97
C LYS A 290 64.44 18.82 5.63
N ILE A 291 63.65 19.35 4.69
CA ILE A 291 64.15 19.86 3.39
C ILE A 291 64.82 21.21 3.62
N LYS A 292 64.19 22.08 4.41
CA LYS A 292 64.69 23.43 4.80
C LYS A 292 66.01 23.30 5.58
N GLU A 293 66.00 22.50 6.64
CA GLU A 293 67.17 22.15 7.48
C GLU A 293 68.31 21.66 6.57
N LEU A 294 68.03 20.74 5.65
CA LEU A 294 69.04 20.08 4.79
C LEU A 294 69.50 21.01 3.67
N HIS A 295 68.70 22.00 3.28
CA HIS A 295 69.05 22.98 2.21
C HIS A 295 70.15 23.90 2.72
N GLN A 296 69.95 24.49 3.90
CA GLN A 296 70.93 25.39 4.55
C GLN A 296 72.26 24.64 4.66
N GLN A 297 72.23 23.39 5.13
CA GLN A 297 73.44 22.52 5.26
C GLN A 297 74.21 22.48 3.94
N TYR A 298 73.51 22.27 2.81
CA TYR A 298 74.12 22.19 1.45
C TYR A 298 74.67 23.55 1.03
N LYS A 299 73.87 24.60 1.24
CA LYS A 299 74.22 26.01 0.95
C LYS A 299 75.56 26.33 1.65
N GLU A 300 75.67 26.04 2.96
CA GLU A 300 76.89 26.24 3.76
C GLU A 300 78.06 25.46 3.15
N ALA A 301 77.87 24.17 2.90
CA ALA A 301 78.91 23.25 2.39
C ALA A 301 79.41 23.74 1.03
N SER A 302 78.53 24.26 0.17
CA SER A 302 78.86 24.69 -1.21
C SER A 302 79.49 26.09 -1.20
N GLU A 303 79.32 26.85 -0.10
CA GLU A 303 79.85 28.23 0.09
C GLU A 303 81.31 28.18 0.57
N VAL A 304 81.82 27.00 0.92
CA VAL A 304 83.28 26.70 1.07
C VAL A 304 83.89 26.66 -0.33
N LYS A 305 84.39 27.80 -0.82
CA LYS A 305 84.90 27.98 -2.21
C LYS A 305 86.05 27.02 -2.46
N PRO A 306 86.20 26.49 -3.70
CA PRO A 306 87.35 25.64 -4.03
C PRO A 306 88.63 26.47 -4.09
N PRO A 307 89.82 25.83 -4.15
CA PRO A 307 89.92 24.38 -4.24
C PRO A 307 89.67 23.73 -2.87
N ARG A 308 89.03 22.56 -2.85
CA ARG A 308 88.71 21.83 -1.59
C ARG A 308 89.18 20.39 -1.69
N ASP A 309 89.45 19.75 -0.56
CA ASP A 309 89.82 18.31 -0.49
C ASP A 309 88.56 17.52 -0.87
N ILE A 310 88.66 16.21 -0.99
CA ILE A 310 87.59 15.36 -1.58
C ILE A 310 86.45 15.19 -0.56
N THR A 311 86.73 15.24 0.74
CA THR A 311 85.69 15.12 1.81
C THR A 311 84.76 16.33 1.75
N ALA A 312 85.30 17.51 1.46
CA ALA A 312 84.53 18.78 1.37
C ALA A 312 83.69 18.78 0.09
N GLU A 313 84.18 18.13 -0.97
CA GLU A 313 83.48 17.95 -2.27
C GLU A 313 82.35 16.94 -2.06
N PHE A 314 82.66 15.80 -1.44
CA PHE A 314 81.69 14.72 -1.11
C PHE A 314 80.52 15.30 -0.30
N LEU A 315 80.82 16.15 0.69
CA LEU A 315 79.78 16.78 1.54
C LEU A 315 78.81 17.56 0.67
N VAL A 316 79.30 18.36 -0.27
CA VAL A 316 78.43 19.14 -1.21
C VAL A 316 77.57 18.15 -2.03
N LYS A 317 78.19 17.10 -2.57
CA LYS A 317 77.53 16.11 -3.48
C LYS A 317 76.52 15.27 -2.70
N SER A 318 76.91 14.73 -1.54
CA SER A 318 76.05 13.86 -0.70
C SER A 318 74.80 14.64 -0.30
N LYS A 319 74.96 15.90 0.13
CA LYS A 319 73.83 16.76 0.57
C LYS A 319 72.93 17.09 -0.63
N HIS A 320 73.51 17.26 -1.82
CA HIS A 320 72.77 17.53 -3.08
C HIS A 320 71.87 16.34 -3.41
N ARG A 321 72.46 15.15 -3.44
CA ARG A 321 71.76 13.85 -3.65
C ARG A 321 70.65 13.69 -2.61
N ASP A 322 70.99 13.86 -1.32
CA ASP A 322 70.07 13.70 -0.18
C ASP A 322 68.89 14.67 -0.30
N LEU A 323 69.10 15.85 -0.89
CA LEU A 323 68.08 16.93 -0.97
C LEU A 323 67.14 16.70 -2.17
N THR A 324 67.66 16.18 -3.30
CA THR A 324 66.83 15.84 -4.50
C THR A 324 65.93 14.63 -4.15
N ALA A 325 66.43 13.68 -3.35
CA ALA A 325 65.66 12.53 -2.80
C ALA A 325 64.44 13.04 -2.03
N LEU A 326 64.66 13.84 -0.98
CA LEU A 326 63.60 14.39 -0.09
C LEU A 326 62.67 15.31 -0.89
N CYS A 327 63.14 15.94 -1.97
CA CYS A 327 62.33 16.80 -2.86
C CYS A 327 61.47 15.93 -3.79
N LYS A 328 61.91 14.71 -4.09
CA LYS A 328 61.11 13.70 -4.85
C LYS A 328 59.94 13.26 -3.97
N GLU A 329 60.23 12.67 -2.81
CA GLU A 329 59.23 12.20 -1.81
C GLU A 329 58.11 13.24 -1.64
N TYR A 330 58.46 14.50 -1.42
CA TYR A 330 57.50 15.61 -1.14
C TYR A 330 56.62 15.86 -2.36
N ASP A 331 57.16 15.67 -3.57
CA ASP A 331 56.42 15.85 -4.85
C ASP A 331 55.45 14.67 -5.03
N GLU A 332 55.87 13.44 -4.70
CA GLU A 332 55.01 12.22 -4.69
C GLU A 332 53.87 12.37 -3.67
N LEU A 333 54.16 12.93 -2.49
CA LEU A 333 53.16 13.18 -1.41
C LEU A 333 52.20 14.31 -1.82
N ALA A 334 52.67 15.32 -2.56
CA ALA A 334 51.86 16.48 -3.01
C ALA A 334 50.90 16.03 -4.12
N GLU A 335 51.23 14.94 -4.81
CA GLU A 335 50.35 14.27 -5.80
C GLU A 335 49.22 13.57 -5.03
N THR A 336 49.59 12.62 -4.16
CA THR A 336 48.68 11.88 -3.25
C THR A 336 47.75 12.86 -2.52
N GLN A 337 48.22 14.07 -2.18
CA GLN A 337 47.39 15.12 -1.53
C GLN A 337 46.30 15.58 -2.51
N GLY A 338 46.69 15.82 -3.77
CA GLY A 338 45.81 16.37 -4.82
C GLY A 338 44.61 15.48 -5.12
N LYS A 339 44.82 14.15 -5.11
CA LYS A 339 43.76 13.15 -5.46
C LYS A 339 42.81 12.95 -4.25
N LEU A 340 43.30 13.09 -3.02
CA LEU A 340 42.47 13.02 -1.78
C LEU A 340 41.64 14.30 -1.64
N GLU A 341 42.06 15.41 -2.25
CA GLU A 341 41.34 16.71 -2.23
C GLU A 341 40.25 16.71 -3.31
N GLU A 342 40.51 16.03 -4.44
CA GLU A 342 39.52 15.78 -5.52
C GLU A 342 38.42 14.88 -4.95
N LYS A 343 38.80 13.74 -4.36
CA LYS A 343 37.88 12.74 -3.75
C LYS A 343 36.97 13.42 -2.71
N LEU A 344 37.54 14.29 -1.87
CA LEU A 344 36.82 14.99 -0.77
C LEU A 344 35.83 16.02 -1.36
N GLN A 345 36.15 16.65 -2.50
CA GLN A 345 35.29 17.66 -3.17
C GLN A 345 34.10 16.95 -3.85
N GLU A 346 34.25 15.67 -4.19
CA GLU A 346 33.24 14.81 -4.86
C GLU A 346 32.20 14.34 -3.82
N LEU A 347 32.66 13.92 -2.64
CA LEU A 347 31.77 13.47 -1.52
C LEU A 347 30.94 14.64 -1.02
N GLU A 348 31.48 15.86 -1.02
CA GLU A 348 30.75 17.09 -0.61
C GLU A 348 29.71 17.45 -1.68
N ALA A 349 29.93 17.02 -2.93
CA ALA A 349 29.11 17.34 -4.12
C ALA A 349 27.89 16.41 -4.21
N ASN A 350 28.05 15.13 -3.80
CA ASN A 350 27.00 14.08 -3.89
C ASN A 350 26.57 13.62 -2.50
N PRO A 351 25.88 14.48 -1.70
CA PRO A 351 25.34 14.06 -0.40
C PRO A 351 24.08 13.22 -0.55
N PRO A 352 23.79 12.26 0.36
CA PRO A 352 22.53 11.53 0.35
C PRO A 352 21.36 12.42 0.81
N SER A 353 20.13 11.94 0.62
CA SER A 353 18.87 12.66 0.90
C SER A 353 18.87 13.20 2.33
N ASP A 354 18.49 14.47 2.49
CA ASP A 354 18.40 15.22 3.76
C ASP A 354 17.32 14.59 4.64
N VAL A 355 16.15 14.27 4.05
CA VAL A 355 14.93 13.80 4.76
C VAL A 355 14.19 12.76 3.91
N TYR A 356 13.42 11.86 4.54
CA TYR A 356 12.59 10.83 3.85
C TYR A 356 11.39 11.49 3.17
N LEU A 357 10.61 12.25 3.94
CA LEU A 357 9.43 13.02 3.46
C LEU A 357 9.35 14.35 4.20
N SER A 358 9.19 15.45 3.47
CA SER A 358 9.00 16.81 4.04
C SER A 358 7.60 16.91 4.67
N SER A 359 7.38 17.92 5.50
CA SER A 359 6.06 18.26 6.11
C SER A 359 4.97 18.26 5.03
N ARG A 360 5.26 18.85 3.87
CA ARG A 360 4.30 19.03 2.76
C ARG A 360 4.05 17.69 2.06
N ASP A 361 5.07 16.84 1.95
CA ASP A 361 4.97 15.49 1.33
C ASP A 361 4.10 14.60 2.21
N ARG A 362 4.31 14.66 3.54
CA ARG A 362 3.60 13.86 4.56
C ARG A 362 2.10 14.22 4.57
N GLN A 363 1.76 15.49 4.30
CA GLN A 363 0.37 15.99 4.20
C GLN A 363 -0.33 15.39 2.96
N ILE A 364 0.39 15.33 1.83
CA ILE A 364 -0.12 14.76 0.55
C ILE A 364 -0.23 13.23 0.70
N LEU A 365 0.73 12.60 1.36
CA LEU A 365 0.71 11.14 1.66
C LEU A 365 -0.52 10.83 2.53
N ASP A 366 -0.86 11.73 3.46
CA ASP A 366 -2.02 11.60 4.39
C ASP A 366 -3.33 11.60 3.60
N TRP A 367 -3.36 12.22 2.42
CA TRP A 367 -4.54 12.20 1.52
C TRP A 367 -4.70 10.80 0.93
N HIS A 368 -3.60 10.18 0.49
CA HIS A 368 -3.59 8.80 -0.05
C HIS A 368 -4.02 7.81 1.05
N PHE A 369 -3.72 8.10 2.32
CA PHE A 369 -4.16 7.29 3.48
C PHE A 369 -5.66 7.53 3.73
N ALA A 370 -6.13 8.77 3.55
CA ALA A 370 -7.56 9.15 3.67
C ALA A 370 -8.35 8.38 2.62
N ASN A 371 -7.86 8.35 1.38
CA ASN A 371 -8.44 7.59 0.25
C ASN A 371 -8.59 6.13 0.67
N LEU A 372 -7.58 5.54 1.31
CA LEU A 372 -7.59 4.14 1.76
C LEU A 372 -8.58 3.97 2.92
N GLU A 373 -8.74 5.00 3.76
CA GLU A 373 -9.69 5.01 4.91
C GLU A 373 -11.11 5.18 4.38
N PHE A 374 -11.28 5.84 3.23
CA PHE A 374 -12.58 5.99 2.54
C PHE A 374 -12.99 4.62 1.98
N ALA A 375 -12.08 3.96 1.27
CA ALA A 375 -12.32 2.67 0.60
C ALA A 375 -12.78 1.63 1.62
N ASN A 376 -12.10 1.57 2.77
CA ASN A 376 -12.36 0.56 3.83
C ASN A 376 -13.36 1.14 4.85
N ALA A 377 -13.80 2.38 4.65
CA ALA A 377 -14.73 3.10 5.54
C ALA A 377 -14.33 2.94 7.01
N THR A 378 -13.04 3.11 7.35
CA THR A 378 -12.53 2.95 8.73
C THR A 378 -11.11 3.48 8.83
N PRO A 379 -10.71 4.00 10.02
CA PRO A 379 -9.32 4.31 10.31
C PRO A 379 -8.39 3.10 10.12
N LEU A 380 -7.24 3.32 9.47
CA LEU A 380 -6.27 2.25 9.10
C LEU A 380 -5.80 1.51 10.35
N SER A 381 -5.98 2.08 11.55
CA SER A 381 -5.57 1.46 12.84
C SER A 381 -6.48 0.29 13.18
N THR A 382 -7.68 0.22 12.57
CA THR A 382 -8.70 -0.84 12.82
C THR A 382 -8.53 -2.02 11.84
N LEU A 383 -8.03 -1.76 10.61
CA LEU A 383 -7.92 -2.77 9.52
C LEU A 383 -6.93 -3.86 9.90
N SER A 384 -7.26 -5.12 9.60
CA SER A 384 -6.34 -6.27 9.68
C SER A 384 -5.29 -6.14 8.59
N LEU A 385 -4.02 -6.06 8.96
CA LEU A 385 -2.87 -6.04 8.01
C LEU A 385 -2.98 -7.25 7.08
N LYS A 386 -3.11 -8.45 7.64
CA LYS A 386 -3.03 -9.71 6.87
C LYS A 386 -4.19 -9.82 5.87
N HIS A 387 -5.40 -9.37 6.23
CA HIS A 387 -6.68 -9.80 5.59
C HIS A 387 -7.55 -8.64 5.08
N TRP A 388 -7.13 -7.38 5.19
CA TRP A 388 -7.98 -6.23 4.79
C TRP A 388 -8.38 -6.35 3.32
N ASP A 389 -7.51 -6.95 2.50
CA ASP A 389 -7.62 -6.99 1.02
C ASP A 389 -7.98 -8.41 0.58
N GLN A 390 -8.49 -9.24 1.51
CA GLN A 390 -8.70 -10.69 1.30
C GLN A 390 -9.60 -10.97 0.09
N ASP A 391 -10.44 -10.00 -0.31
CA ASP A 391 -11.39 -10.14 -1.45
C ASP A 391 -10.75 -9.69 -2.77
N ASP A 392 -9.44 -9.45 -2.82
CA ASP A 392 -8.75 -8.83 -4.00
C ASP A 392 -8.96 -9.68 -5.27
N ASP A 393 -8.85 -11.00 -5.16
CA ASP A 393 -8.82 -11.93 -6.33
C ASP A 393 -10.18 -12.00 -7.03
N PHE A 394 -11.23 -11.37 -6.48
CA PHE A 394 -12.62 -11.52 -6.98
C PHE A 394 -13.12 -10.20 -7.56
N GLU A 395 -12.28 -9.17 -7.58
CA GLU A 395 -12.67 -7.83 -8.08
C GLU A 395 -13.07 -7.95 -9.56
N PHE A 396 -14.04 -7.15 -10.00
CA PHE A 396 -14.53 -7.18 -11.40
C PHE A 396 -13.54 -6.40 -12.28
N THR A 397 -13.54 -6.73 -13.58
CA THR A 397 -12.77 -6.03 -14.65
C THR A 397 -13.68 -4.98 -15.30
N GLY A 398 -13.08 -3.91 -15.83
CA GLY A 398 -13.79 -2.84 -16.58
C GLY A 398 -13.88 -1.56 -15.77
N SER A 399 -14.31 -0.49 -16.43
CA SER A 399 -14.37 0.89 -15.86
C SER A 399 -15.41 0.91 -14.75
N HIS A 400 -15.07 1.54 -13.61
CA HIS A 400 -16.04 1.90 -12.54
C HIS A 400 -17.02 2.91 -13.14
N LEU A 401 -18.32 2.76 -12.85
CA LEU A 401 -19.42 3.59 -13.40
C LEU A 401 -20.19 4.17 -12.22
N THR A 402 -21.00 5.21 -12.48
CA THR A 402 -21.97 5.78 -11.50
C THR A 402 -23.38 5.68 -12.08
N VAL A 403 -24.39 5.80 -11.22
CA VAL A 403 -25.82 5.77 -11.62
C VAL A 403 -26.30 7.23 -11.60
N ARG A 404 -26.48 7.81 -12.79
CA ARG A 404 -26.94 9.21 -12.99
C ARG A 404 -28.42 9.30 -12.61
N ASN A 405 -29.17 8.22 -12.89
CA ASN A 405 -30.58 8.00 -12.46
C ASN A 405 -30.74 8.16 -10.95
N GLY A 406 -29.70 7.84 -10.18
CA GLY A 406 -29.78 7.56 -8.72
C GLY A 406 -29.96 6.07 -8.49
N TYR A 407 -29.17 5.47 -7.58
CA TYR A 407 -29.07 4.00 -7.39
C TYR A 407 -30.41 3.43 -6.89
N SER A 408 -31.24 4.23 -6.21
CA SER A 408 -32.58 3.82 -5.68
C SER A 408 -33.42 3.17 -6.78
N CYS A 409 -33.26 3.62 -8.03
CA CYS A 409 -33.97 3.05 -9.21
C CYS A 409 -33.94 1.51 -9.15
N VAL A 410 -32.89 0.91 -8.57
CA VAL A 410 -32.64 -0.57 -8.52
C VAL A 410 -33.53 -1.24 -7.47
N PRO A 411 -33.41 -0.94 -6.16
CA PRO A 411 -34.30 -1.54 -5.16
C PRO A 411 -35.77 -1.27 -5.49
N VAL A 412 -36.12 0.00 -5.75
CA VAL A 412 -37.53 0.39 -6.05
C VAL A 412 -38.08 -0.56 -7.11
N ALA A 413 -37.30 -0.84 -8.16
CA ALA A 413 -37.62 -1.82 -9.21
C ALA A 413 -37.82 -3.22 -8.60
N LEU A 414 -36.86 -3.70 -7.80
CA LEU A 414 -36.87 -5.06 -7.19
C LEU A 414 -38.10 -5.22 -6.28
N ALA A 415 -38.56 -4.13 -5.66
CA ALA A 415 -39.68 -4.10 -4.68
C ALA A 415 -41.03 -4.38 -5.36
N GLU A 416 -41.14 -4.18 -6.67
CA GLU A 416 -42.44 -4.32 -7.39
C GLU A 416 -42.96 -5.76 -7.18
N GLY A 417 -44.22 -5.87 -6.75
CA GLY A 417 -44.95 -7.16 -6.65
C GLY A 417 -44.66 -7.93 -5.36
N LEU A 418 -44.08 -7.26 -4.37
CA LEU A 418 -43.59 -7.88 -3.10
C LEU A 418 -44.39 -7.32 -1.93
N ASP A 419 -44.74 -8.18 -0.98
CA ASP A 419 -45.47 -7.79 0.25
C ASP A 419 -44.45 -7.15 1.20
N ILE A 420 -44.39 -5.81 1.23
CA ILE A 420 -43.41 -5.07 2.07
C ILE A 420 -44.19 -4.26 3.11
N LYS A 421 -43.97 -4.54 4.40
CA LYS A 421 -44.45 -3.72 5.53
C LYS A 421 -43.39 -2.67 5.88
N LEU A 422 -43.59 -1.41 5.45
CA LEU A 422 -42.70 -0.28 5.80
C LEU A 422 -43.10 0.23 7.18
N ASN A 423 -42.24 1.02 7.83
CA ASN A 423 -42.52 1.59 9.18
C ASN A 423 -42.81 0.45 10.16
N THR A 424 -42.12 -0.67 10.00
CA THR A 424 -42.28 -1.92 10.80
C THR A 424 -40.90 -2.35 11.32
N ALA A 425 -40.60 -1.98 12.57
CA ALA A 425 -39.31 -2.22 13.24
C ALA A 425 -39.35 -3.54 14.00
N VAL A 426 -38.68 -4.57 13.47
CA VAL A 426 -38.50 -5.87 14.18
C VAL A 426 -37.85 -5.58 15.54
N ARG A 427 -38.39 -6.17 16.60
CA ARG A 427 -37.94 -5.97 18.00
C ARG A 427 -37.37 -7.29 18.54
N GLN A 428 -38.03 -8.41 18.24
CA GLN A 428 -37.66 -9.75 18.78
C GLN A 428 -37.87 -10.82 17.69
N VAL A 429 -36.92 -11.75 17.58
CA VAL A 429 -36.98 -12.91 16.65
C VAL A 429 -36.96 -14.18 17.50
N ARG A 430 -38.07 -14.92 17.46
CA ARG A 430 -38.27 -16.22 18.17
C ARG A 430 -38.23 -17.35 17.14
N TYR A 431 -37.42 -18.39 17.41
CA TYR A 431 -37.20 -19.54 16.50
C TYR A 431 -37.17 -20.82 17.35
N THR A 432 -37.99 -21.79 16.96
CA THR A 432 -38.19 -23.08 17.67
C THR A 432 -38.27 -24.21 16.64
N ALA A 433 -38.30 -25.45 17.12
CA ALA A 433 -38.33 -26.67 16.29
C ALA A 433 -39.57 -26.69 15.37
N SER A 434 -40.63 -25.97 15.70
CA SER A 434 -41.94 -26.02 14.99
C SER A 434 -42.16 -24.77 14.12
N GLY A 435 -41.30 -23.75 14.25
CA GLY A 435 -41.37 -22.51 13.46
C GLY A 435 -40.93 -21.29 14.23
N CYS A 436 -41.20 -20.10 13.69
CA CYS A 436 -40.68 -18.80 14.17
C CYS A 436 -41.83 -17.82 14.41
N GLU A 437 -41.63 -16.92 15.39
CA GLU A 437 -42.42 -15.69 15.60
C GLU A 437 -41.48 -14.48 15.46
N VAL A 438 -41.83 -13.53 14.60
CA VAL A 438 -41.16 -12.20 14.48
C VAL A 438 -42.10 -11.17 15.08
N ILE A 439 -41.67 -10.48 16.14
CA ILE A 439 -42.42 -9.41 16.86
C ILE A 439 -41.86 -8.05 16.43
N ALA A 440 -42.66 -7.24 15.72
CA ALA A 440 -42.31 -5.88 15.27
C ALA A 440 -43.28 -4.86 15.88
N VAL A 441 -43.00 -3.57 15.70
CA VAL A 441 -43.87 -2.44 16.14
C VAL A 441 -43.95 -1.41 15.01
N ASN A 442 -44.96 -0.55 15.03
CA ASN A 442 -45.07 0.62 14.13
C ASN A 442 -44.04 1.66 14.59
N THR A 443 -43.22 2.18 13.66
CA THR A 443 -42.13 3.14 13.99
C THR A 443 -42.78 4.44 14.46
N ARG A 444 -43.96 4.75 13.92
CA ARG A 444 -44.71 6.01 14.15
C ARG A 444 -45.33 5.98 15.56
N SER A 445 -46.00 4.87 15.94
CA SER A 445 -46.48 4.61 17.33
C SER A 445 -45.97 3.24 17.82
N THR A 446 -44.95 3.24 18.70
CA THR A 446 -44.20 2.04 19.16
C THR A 446 -45.11 1.06 19.92
N SER A 447 -46.33 1.48 20.28
CA SER A 447 -47.31 0.71 21.08
C SER A 447 -48.04 -0.32 20.21
N GLN A 448 -48.35 0.05 18.95
CA GLN A 448 -48.95 -0.86 17.92
C GLN A 448 -47.99 -2.03 17.65
N THR A 449 -48.31 -3.21 18.17
CA THR A 449 -47.43 -4.40 18.12
C THR A 449 -47.96 -5.37 17.05
N PHE A 450 -47.06 -6.01 16.31
CA PHE A 450 -47.37 -6.99 15.24
C PHE A 450 -46.64 -8.30 15.52
N ILE A 451 -47.31 -9.42 15.27
CA ILE A 451 -46.73 -10.79 15.37
C ILE A 451 -46.84 -11.44 14.00
N TYR A 452 -45.70 -11.85 13.43
CA TYR A 452 -45.63 -12.60 12.16
C TYR A 452 -45.16 -14.02 12.50
N LYS A 453 -45.93 -15.03 12.08
CA LYS A 453 -45.62 -16.46 12.27
C LYS A 453 -45.10 -16.98 10.93
N CYS A 454 -43.97 -17.70 10.93
CA CYS A 454 -43.34 -18.23 9.70
C CYS A 454 -42.58 -19.53 9.97
N ASP A 455 -42.34 -20.30 8.91
CA ASP A 455 -41.48 -21.51 8.89
C ASP A 455 -40.00 -21.11 9.01
N ALA A 456 -39.63 -19.93 8.48
CA ALA A 456 -38.23 -19.46 8.35
C ALA A 456 -38.17 -17.94 8.46
N VAL A 457 -37.10 -17.43 9.09
CA VAL A 457 -36.72 -15.99 9.14
C VAL A 457 -35.39 -15.78 8.42
N LEU A 458 -35.35 -14.88 7.43
CA LEU A 458 -34.11 -14.39 6.79
C LEU A 458 -33.78 -13.02 7.39
N CYS A 459 -32.73 -12.97 8.20
CA CYS A 459 -32.16 -11.74 8.82
C CYS A 459 -31.19 -11.07 7.84
N THR A 460 -31.47 -9.83 7.41
CA THR A 460 -30.54 -8.99 6.60
C THR A 460 -30.21 -7.71 7.39
N LEU A 461 -30.44 -7.72 8.70
CA LEU A 461 -30.05 -6.63 9.62
C LEU A 461 -28.56 -6.37 9.43
N PRO A 462 -28.17 -5.10 9.22
CA PRO A 462 -26.76 -4.73 9.07
C PRO A 462 -25.91 -5.15 10.27
N LEU A 463 -24.62 -5.39 10.05
CA LEU A 463 -23.66 -5.79 11.10
C LEU A 463 -23.67 -4.73 12.21
N GLY A 464 -23.82 -3.45 11.84
CA GLY A 464 -23.97 -2.35 12.80
C GLY A 464 -25.09 -2.61 13.80
N VAL A 465 -26.25 -3.04 13.31
CA VAL A 465 -27.45 -3.33 14.14
C VAL A 465 -27.16 -4.57 14.99
N LEU A 466 -26.67 -5.64 14.37
CA LEU A 466 -26.35 -6.91 15.08
C LEU A 466 -25.37 -6.62 16.23
N LYS A 467 -24.50 -5.63 16.06
CA LYS A 467 -23.45 -5.27 17.05
C LYS A 467 -24.04 -4.47 18.22
N GLN A 468 -25.07 -3.67 17.95
CA GLN A 468 -25.66 -2.67 18.89
C GLN A 468 -25.77 -3.29 20.29
N GLN A 469 -25.23 -2.60 21.30
CA GLN A 469 -25.30 -3.00 22.74
C GLN A 469 -25.76 -1.79 23.56
N PRO A 470 -26.93 -1.85 24.22
CA PRO A 470 -27.76 -3.06 24.31
C PRO A 470 -28.55 -3.32 23.02
N PRO A 471 -29.00 -4.58 22.78
CA PRO A 471 -29.55 -4.97 21.48
C PRO A 471 -30.82 -4.25 21.05
N ALA A 472 -30.87 -3.79 19.79
CA ALA A 472 -32.09 -3.26 19.13
C ALA A 472 -33.05 -4.42 18.82
N VAL A 473 -32.51 -5.63 18.63
CA VAL A 473 -33.29 -6.86 18.28
C VAL A 473 -32.83 -7.99 19.21
N GLN A 474 -33.79 -8.60 19.91
CA GLN A 474 -33.58 -9.74 20.84
C GLN A 474 -33.83 -11.02 20.05
N PHE A 475 -32.91 -11.99 20.15
CA PHE A 475 -33.04 -13.34 19.57
C PHE A 475 -33.44 -14.30 20.70
N VAL A 476 -34.48 -15.10 20.48
CA VAL A 476 -35.00 -16.07 21.48
C VAL A 476 -35.18 -17.42 20.80
N PRO A 477 -34.33 -18.42 21.11
CA PRO A 477 -33.25 -18.25 22.10
C PRO A 477 -32.08 -17.42 21.58
N PRO A 478 -31.17 -16.96 22.46
CA PRO A 478 -30.09 -16.07 22.05
C PRO A 478 -29.17 -16.80 21.06
N LEU A 479 -28.59 -16.03 20.14
CA LEU A 479 -27.64 -16.55 19.11
C LEU A 479 -26.47 -17.23 19.84
N PRO A 480 -25.92 -18.34 19.28
CA PRO A 480 -24.79 -19.04 19.89
C PRO A 480 -23.51 -18.20 19.95
N GLU A 481 -22.60 -18.56 20.87
CA GLU A 481 -21.29 -17.86 21.05
C GLU A 481 -20.60 -17.74 19.69
N TRP A 482 -20.64 -18.78 18.83
CA TRP A 482 -19.86 -18.78 17.58
C TRP A 482 -20.34 -17.66 16.65
N LYS A 483 -21.62 -17.34 16.67
CA LYS A 483 -22.22 -16.23 15.87
C LYS A 483 -21.90 -14.89 16.53
N THR A 484 -22.11 -14.74 17.84
CA THR A 484 -21.99 -13.43 18.55
C THR A 484 -20.53 -12.97 18.55
N SER A 485 -19.59 -13.91 18.70
CA SER A 485 -18.12 -13.69 18.66
C SER A 485 -17.70 -13.14 17.30
N ALA A 486 -18.23 -13.70 16.22
CA ALA A 486 -18.03 -13.20 14.83
C ALA A 486 -18.53 -11.77 14.72
N VAL A 487 -19.73 -11.51 15.22
CA VAL A 487 -20.35 -10.15 15.17
C VAL A 487 -19.42 -9.17 15.89
N GLN A 488 -18.95 -9.56 17.08
CA GLN A 488 -18.04 -8.74 17.93
C GLN A 488 -16.74 -8.46 17.16
N ARG A 489 -16.10 -9.50 16.61
CA ARG A 489 -14.77 -9.43 15.95
C ARG A 489 -14.82 -8.53 14.72
N MET A 490 -15.85 -8.68 13.89
CA MET A 490 -15.89 -8.07 12.53
C MET A 490 -15.95 -6.55 12.65
N GLY A 491 -15.42 -5.87 11.64
CA GLY A 491 -15.40 -4.41 11.58
C GLY A 491 -16.65 -3.89 10.90
N PHE A 492 -17.27 -2.87 11.47
CA PHE A 492 -18.35 -2.12 10.79
C PHE A 492 -17.94 -0.66 10.80
N GLY A 493 -17.76 -0.14 9.59
CA GLY A 493 -17.12 1.17 9.35
C GLY A 493 -18.15 2.28 9.24
N ASN A 494 -17.66 3.46 8.88
CA ASN A 494 -18.43 4.72 8.74
C ASN A 494 -17.80 5.52 7.59
N LEU A 495 -18.62 6.29 6.89
CA LEU A 495 -18.24 7.12 5.72
C LEU A 495 -19.44 7.96 5.38
N ASN A 496 -19.32 9.28 5.40
CA ASN A 496 -20.47 10.21 5.19
C ASN A 496 -20.28 11.00 3.90
N LYS A 497 -21.38 11.52 3.35
CA LYS A 497 -21.41 12.32 2.11
C LYS A 497 -22.11 13.66 2.41
N VAL A 498 -21.57 14.75 1.88
CA VAL A 498 -22.19 16.11 1.91
C VAL A 498 -22.63 16.42 0.48
N VAL A 499 -23.92 16.64 0.28
CA VAL A 499 -24.51 16.94 -1.06
C VAL A 499 -24.61 18.46 -1.18
N LEU A 500 -23.91 19.03 -2.16
CA LEU A 500 -23.88 20.49 -2.47
C LEU A 500 -24.53 20.72 -3.85
N CYS A 501 -25.76 21.23 -3.84
CA CYS A 501 -26.57 21.58 -5.03
C CYS A 501 -26.45 23.08 -5.33
N PHE A 502 -25.99 23.41 -6.53
CA PHE A 502 -25.73 24.80 -6.98
C PHE A 502 -26.65 25.11 -8.17
N ASP A 503 -26.62 26.36 -8.65
CA ASP A 503 -27.42 26.85 -9.81
C ASP A 503 -26.57 26.82 -11.09
N ARG A 504 -25.24 26.83 -10.96
CA ARG A 504 -24.30 26.83 -12.12
C ARG A 504 -23.00 26.09 -11.77
N VAL A 505 -22.45 25.40 -12.77
CA VAL A 505 -21.15 24.65 -12.73
C VAL A 505 -19.99 25.66 -12.68
N PHE A 506 -19.23 25.69 -11.58
CA PHE A 506 -18.02 26.54 -11.41
C PHE A 506 -16.75 25.70 -11.32
N TRP A 507 -16.77 24.47 -11.85
CA TRP A 507 -15.65 23.49 -11.77
C TRP A 507 -15.40 22.91 -13.17
N ASP A 508 -14.28 22.21 -13.34
CA ASP A 508 -13.91 21.59 -14.64
C ASP A 508 -14.91 20.46 -14.92
N PRO A 509 -15.82 20.63 -15.90
CA PRO A 509 -16.89 19.65 -16.13
C PRO A 509 -16.43 18.36 -16.82
N SER A 510 -15.14 18.20 -17.13
CA SER A 510 -14.55 16.95 -17.68
C SER A 510 -13.67 16.27 -16.61
N VAL A 511 -13.73 16.79 -15.37
CA VAL A 511 -13.06 16.23 -14.17
C VAL A 511 -14.16 15.81 -13.18
N ASN A 512 -14.23 14.50 -12.88
CA ASN A 512 -15.26 13.87 -12.01
C ASN A 512 -14.84 13.94 -10.54
N LEU A 513 -13.55 13.74 -10.26
CA LEU A 513 -12.94 13.71 -8.90
C LEU A 513 -11.95 14.86 -8.76
N PHE A 514 -11.82 15.41 -7.56
CA PHE A 514 -10.67 16.26 -7.17
C PHE A 514 -10.54 16.28 -5.64
N GLY A 515 -9.32 16.04 -5.16
CA GLY A 515 -9.00 15.96 -3.72
C GLY A 515 -8.73 17.33 -3.11
N HIS A 516 -8.87 17.42 -1.78
CA HIS A 516 -8.41 18.54 -0.93
C HIS A 516 -7.51 17.93 0.15
N VAL A 517 -6.26 18.39 0.26
CA VAL A 517 -5.31 17.87 1.28
C VAL A 517 -5.57 18.60 2.60
N GLY A 518 -5.78 17.85 3.67
CA GLY A 518 -5.96 18.39 5.03
C GLY A 518 -4.62 18.86 5.58
N SER A 519 -4.66 19.78 6.55
CA SER A 519 -3.46 20.34 7.21
C SER A 519 -2.81 19.27 8.11
N THR A 520 -3.58 18.67 9.01
CA THR A 520 -3.11 17.66 9.99
C THR A 520 -3.44 16.24 9.50
N THR A 521 -2.70 15.25 10.00
CA THR A 521 -3.02 13.80 9.94
C THR A 521 -4.43 13.57 10.51
N ALA A 522 -4.68 14.14 11.69
CA ALA A 522 -5.93 14.00 12.47
C ALA A 522 -7.17 14.37 11.65
N SER A 523 -7.04 15.13 10.56
CA SER A 523 -8.18 15.59 9.74
C SER A 523 -7.98 15.26 8.26
N ARG A 524 -7.18 14.23 7.94
CA ARG A 524 -6.90 13.85 6.53
C ARG A 524 -8.20 13.44 5.84
N GLY A 525 -9.14 12.85 6.57
CA GLY A 525 -10.41 12.33 6.01
C GLY A 525 -11.41 13.44 5.72
N GLU A 526 -11.31 14.57 6.43
CA GLU A 526 -12.34 15.64 6.46
C GLU A 526 -12.47 16.31 5.09
N LEU A 527 -13.54 15.99 4.36
CA LEU A 527 -13.89 16.62 3.07
C LEU A 527 -12.69 16.53 2.12
N PHE A 528 -12.07 15.35 2.07
CA PHE A 528 -10.79 15.06 1.36
C PHE A 528 -11.03 14.81 -0.13
N LEU A 529 -12.28 14.67 -0.59
CA LEU A 529 -12.58 14.31 -2.00
C LEU A 529 -13.96 14.89 -2.40
N PHE A 530 -14.08 15.31 -3.66
CA PHE A 530 -15.31 15.91 -4.26
C PHE A 530 -15.65 15.21 -5.58
N TRP A 531 -16.90 14.74 -5.72
CA TRP A 531 -17.45 14.10 -6.95
C TRP A 531 -18.43 15.07 -7.61
N ASN A 532 -18.34 15.23 -8.94
CA ASN A 532 -19.46 15.70 -9.81
C ASN A 532 -19.72 14.56 -10.79
N LEU A 533 -20.94 14.02 -10.81
CA LEU A 533 -21.30 12.84 -11.65
C LEU A 533 -22.68 12.99 -12.29
N TYR A 534 -23.36 14.12 -12.05
CA TYR A 534 -24.82 14.28 -12.29
C TYR A 534 -25.04 15.37 -13.35
N LYS A 535 -26.17 15.26 -14.08
CA LYS A 535 -26.61 16.20 -15.15
C LYS A 535 -26.63 17.62 -14.54
N ALA A 536 -27.34 17.76 -13.41
CA ALA A 536 -27.47 19.01 -12.63
C ALA A 536 -26.12 19.37 -12.00
N PRO A 537 -25.94 20.62 -11.53
CA PRO A 537 -24.71 21.04 -10.86
C PRO A 537 -24.64 20.64 -9.38
N ILE A 538 -24.08 19.46 -9.09
CA ILE A 538 -23.97 18.88 -7.72
C ILE A 538 -22.52 18.42 -7.49
N LEU A 539 -21.99 18.75 -6.32
CA LEU A 539 -20.69 18.25 -5.81
C LEU A 539 -20.93 17.45 -4.52
N LEU A 540 -20.34 16.25 -4.44
CA LEU A 540 -20.40 15.35 -3.25
C LEU A 540 -19.05 15.37 -2.53
N ALA A 541 -19.02 15.80 -1.27
CA ALA A 541 -17.82 15.77 -0.42
C ALA A 541 -17.87 14.55 0.50
N LEU A 542 -16.84 13.69 0.45
CA LEU A 542 -16.69 12.53 1.36
C LEU A 542 -16.07 12.98 2.68
N VAL A 543 -16.59 12.50 3.81
CA VAL A 543 -15.95 12.57 5.16
C VAL A 543 -15.52 11.16 5.57
N ALA A 544 -14.23 10.85 5.49
CA ALA A 544 -13.69 9.48 5.68
C ALA A 544 -12.88 9.42 6.98
N GLY A 545 -12.31 8.24 7.28
CA GLY A 545 -11.38 8.02 8.40
C GLY A 545 -11.97 8.45 9.74
N GLU A 546 -11.11 8.91 10.65
CA GLU A 546 -11.49 9.31 12.03
C GLU A 546 -12.46 10.50 11.98
N ALA A 547 -12.42 11.28 10.90
CA ALA A 547 -13.24 12.49 10.68
C ALA A 547 -14.74 12.13 10.70
N ALA A 548 -15.11 11.02 10.06
CA ALA A 548 -16.51 10.56 9.87
C ALA A 548 -17.27 10.59 11.20
N GLY A 549 -16.79 9.87 12.21
CA GLY A 549 -17.40 9.75 13.54
C GLY A 549 -17.58 11.11 14.19
N ILE A 550 -16.54 11.95 14.14
CA ILE A 550 -16.46 13.28 14.83
C ILE A 550 -17.37 14.29 14.11
N MET A 551 -17.38 14.27 12.77
CA MET A 551 -18.12 15.26 11.96
C MET A 551 -19.64 15.03 12.06
N GLU A 552 -20.09 13.93 12.67
CA GLU A 552 -21.53 13.63 12.84
C GLU A 552 -22.11 14.44 14.02
N ASN A 553 -21.25 14.91 14.94
CA ASN A 553 -21.64 15.74 16.12
C ASN A 553 -21.59 17.24 15.78
N ILE A 554 -21.36 17.60 14.51
CA ILE A 554 -21.23 19.01 14.04
C ILE A 554 -22.36 19.27 13.04
N SER A 555 -23.00 20.45 13.13
CA SER A 555 -24.25 20.82 12.40
C SER A 555 -23.98 20.99 10.90
N ASP A 556 -25.02 20.80 10.08
CA ASP A 556 -24.94 20.83 8.60
C ASP A 556 -24.38 22.19 8.15
N ASP A 557 -24.77 23.29 8.82
CA ASP A 557 -24.34 24.67 8.50
C ASP A 557 -22.82 24.76 8.57
N VAL A 558 -22.24 24.35 9.70
CA VAL A 558 -20.76 24.37 9.94
C VAL A 558 -20.05 23.53 8.86
N ILE A 559 -20.61 22.37 8.51
CA ILE A 559 -20.02 21.40 7.55
C ILE A 559 -20.05 22.00 6.15
N VAL A 560 -21.20 22.55 5.74
CA VAL A 560 -21.33 23.29 4.44
C VAL A 560 -20.36 24.47 4.50
N GLY A 561 -20.21 25.09 5.68
CA GLY A 561 -19.19 26.13 5.96
C GLY A 561 -17.82 25.66 5.52
N ARG A 562 -17.28 24.65 6.20
CA ARG A 562 -15.92 24.09 5.94
C ARG A 562 -15.80 23.70 4.46
N CYS A 563 -16.91 23.27 3.84
CA CYS A 563 -16.97 22.82 2.42
C CYS A 563 -16.72 24.00 1.48
N LEU A 564 -17.50 25.08 1.66
CA LEU A 564 -17.46 26.30 0.81
C LEU A 564 -16.06 26.91 0.90
N ALA A 565 -15.56 27.14 2.11
CA ALA A 565 -14.18 27.56 2.40
C ALA A 565 -13.21 26.83 1.46
N ILE A 566 -13.17 25.49 1.54
CA ILE A 566 -12.21 24.62 0.80
C ILE A 566 -12.40 24.85 -0.72
N LEU A 567 -13.63 25.01 -1.18
CA LEU A 567 -13.95 25.22 -2.62
C LEU A 567 -13.51 26.62 -3.06
N LYS A 568 -13.80 27.66 -2.24
CA LYS A 568 -13.35 29.07 -2.46
C LYS A 568 -11.82 29.07 -2.68
N GLY A 569 -11.08 28.51 -1.71
CA GLY A 569 -9.61 28.35 -1.78
C GLY A 569 -9.13 27.88 -3.15
N ILE A 570 -9.91 27.03 -3.84
CA ILE A 570 -9.50 26.41 -5.13
C ILE A 570 -10.05 27.22 -6.30
N PHE A 571 -11.26 27.78 -6.19
CA PHE A 571 -12.01 28.37 -7.33
C PHE A 571 -12.20 29.90 -7.17
N GLY A 572 -11.97 30.46 -5.97
CA GLY A 572 -12.04 31.90 -5.69
C GLY A 572 -13.43 32.34 -5.25
N SER A 573 -13.51 33.25 -4.27
CA SER A 573 -14.74 33.68 -3.55
C SER A 573 -15.87 34.09 -4.50
N SER A 574 -15.54 34.67 -5.66
CA SER A 574 -16.51 35.20 -6.65
C SER A 574 -17.23 34.05 -7.37
N ALA A 575 -16.59 32.87 -7.48
CA ALA A 575 -17.05 31.72 -8.30
C ALA A 575 -17.96 30.78 -7.49
N VAL A 576 -17.83 30.76 -6.16
CA VAL A 576 -18.54 29.81 -5.26
C VAL A 576 -19.77 30.51 -4.68
N PRO A 577 -20.99 30.22 -5.21
CA PRO A 577 -22.22 30.80 -4.66
C PRO A 577 -22.64 30.08 -3.38
N GLN A 578 -23.74 30.50 -2.74
CA GLN A 578 -24.42 29.70 -1.69
C GLN A 578 -25.10 28.52 -2.39
N PRO A 579 -25.12 27.32 -1.76
CA PRO A 579 -25.83 26.18 -2.34
C PRO A 579 -27.34 26.33 -2.17
N LYS A 580 -28.11 25.90 -3.18
CA LYS A 580 -29.60 25.92 -3.18
C LYS A 580 -30.11 24.89 -2.16
N GLU A 581 -29.57 23.67 -2.20
CA GLU A 581 -29.94 22.52 -1.35
C GLU A 581 -28.66 21.85 -0.82
N THR A 582 -28.66 21.47 0.45
CA THR A 582 -27.57 20.72 1.12
C THR A 582 -28.14 19.58 1.97
N VAL A 583 -27.56 18.37 1.83
CA VAL A 583 -27.84 17.16 2.65
C VAL A 583 -26.52 16.65 3.23
N VAL A 584 -26.54 16.17 4.48
CA VAL A 584 -25.35 15.59 5.18
C VAL A 584 -25.73 14.24 5.81
N SER A 585 -25.23 13.14 5.23
CA SER A 585 -25.38 11.76 5.75
C SER A 585 -24.76 11.67 7.15
N ARG A 586 -25.40 10.91 8.05
CA ARG A 586 -24.89 10.60 9.41
C ARG A 586 -25.21 9.11 9.68
N TRP A 587 -24.43 8.22 9.05
CA TRP A 587 -24.71 6.76 8.94
C TRP A 587 -24.46 6.06 10.29
N ARG A 588 -23.53 6.54 11.12
CA ARG A 588 -23.24 5.87 12.41
C ARG A 588 -24.43 6.09 13.36
N ALA A 589 -25.10 7.24 13.23
CA ALA A 589 -26.22 7.65 14.11
C ALA A 589 -27.54 7.04 13.61
N ASP A 590 -27.62 6.73 12.31
CA ASP A 590 -28.81 6.08 11.70
C ASP A 590 -29.03 4.74 12.39
N PRO A 591 -30.13 4.57 13.15
CA PRO A 591 -30.33 3.35 13.94
C PRO A 591 -30.67 2.09 13.12
N TRP A 592 -30.93 2.22 11.81
CA TRP A 592 -31.22 1.10 10.87
C TRP A 592 -29.98 0.74 10.03
N ALA A 593 -28.81 1.21 10.47
CA ALA A 593 -27.50 1.00 9.81
C ALA A 593 -26.40 0.89 10.86
N ARG A 594 -26.27 1.89 11.73
CA ARG A 594 -25.26 1.95 12.83
C ARG A 594 -23.85 1.93 12.20
N GLY A 595 -23.70 2.56 11.04
CA GLY A 595 -22.45 2.56 10.24
C GLY A 595 -22.73 2.44 8.74
N SER A 596 -21.67 2.37 7.93
CA SER A 596 -21.72 2.46 6.45
C SER A 596 -21.59 1.06 5.85
N TYR A 597 -20.47 0.36 6.06
CA TYR A 597 -20.29 -1.04 5.59
C TYR A 597 -19.14 -1.74 6.31
N SER A 598 -19.10 -3.06 6.17
CA SER A 598 -18.16 -3.97 6.87
C SER A 598 -16.73 -3.70 6.38
N TYR A 599 -15.76 -3.96 7.25
CA TYR A 599 -14.32 -4.04 6.94
C TYR A 599 -13.70 -5.18 7.75
N VAL A 600 -12.57 -5.72 7.28
CA VAL A 600 -11.89 -6.85 7.95
C VAL A 600 -11.05 -6.24 9.07
N ALA A 601 -11.56 -6.26 10.29
CA ALA A 601 -10.91 -5.62 11.46
C ALA A 601 -9.70 -6.47 11.86
N ALA A 602 -8.68 -5.85 12.43
CA ALA A 602 -7.56 -6.56 13.08
C ALA A 602 -8.19 -7.57 14.05
N GLY A 603 -7.81 -8.84 13.92
CA GLY A 603 -8.32 -9.94 14.77
C GLY A 603 -9.43 -10.72 14.10
N SER A 604 -9.88 -10.30 12.92
CA SER A 604 -10.91 -10.98 12.09
C SER A 604 -10.25 -11.54 10.84
N SER A 605 -11.05 -12.19 9.98
CA SER A 605 -10.64 -12.75 8.67
C SER A 605 -11.89 -12.95 7.81
N GLY A 606 -11.71 -13.40 6.56
CA GLY A 606 -12.82 -13.71 5.65
C GLY A 606 -13.67 -14.83 6.22
N ASN A 607 -13.09 -15.60 7.14
CA ASN A 607 -13.74 -16.78 7.77
C ASN A 607 -14.95 -16.36 8.60
N ASP A 608 -14.94 -15.15 9.18
CA ASP A 608 -16.05 -14.62 10.01
C ASP A 608 -17.24 -14.28 9.11
N TYR A 609 -16.98 -13.85 7.88
CA TYR A 609 -18.03 -13.58 6.86
C TYR A 609 -18.81 -14.90 6.61
N ASP A 610 -18.11 -16.04 6.61
CA ASP A 610 -18.73 -17.38 6.42
C ASP A 610 -19.52 -17.77 7.67
N LEU A 611 -18.98 -17.51 8.85
CA LEU A 611 -19.73 -17.72 10.13
C LEU A 611 -21.00 -16.87 10.11
N MET A 612 -20.94 -15.62 9.64
CA MET A 612 -22.15 -14.74 9.61
C MET A 612 -23.22 -15.35 8.71
N ALA A 613 -22.83 -16.14 7.70
CA ALA A 613 -23.76 -16.70 6.69
C ALA A 613 -24.36 -18.04 7.13
N GLN A 614 -23.76 -18.73 8.12
CA GLN A 614 -24.24 -20.04 8.64
C GLN A 614 -25.60 -19.86 9.30
N PRO A 615 -26.65 -20.62 8.88
CA PRO A 615 -27.97 -20.52 9.52
C PRO A 615 -27.98 -21.16 10.91
N ILE A 616 -28.93 -20.74 11.76
CA ILE A 616 -29.11 -21.27 13.14
C ILE A 616 -30.20 -22.35 13.13
N THR A 617 -29.91 -23.50 13.75
CA THR A 617 -30.87 -24.61 13.94
C THR A 617 -31.29 -24.59 15.39
N PRO A 618 -32.60 -24.45 15.69
CA PRO A 618 -33.08 -24.46 17.07
C PRO A 618 -32.87 -25.84 17.71
N GLY A 619 -32.91 -25.93 19.03
CA GLY A 619 -32.99 -27.21 19.77
C GLY A 619 -34.33 -27.89 19.57
N PRO A 620 -34.46 -29.19 19.93
CA PRO A 620 -35.75 -29.88 19.86
C PRO A 620 -36.73 -29.33 20.91
N SER A 621 -38.03 -29.39 20.63
CA SER A 621 -39.12 -28.95 21.55
C SER A 621 -39.18 -29.91 22.74
N ILE A 622 -39.58 -31.16 22.48
CA ILE A 622 -39.56 -32.28 23.45
C ILE A 622 -38.17 -32.89 23.41
N PRO A 623 -37.52 -33.20 24.57
CA PRO A 623 -36.22 -33.86 24.56
C PRO A 623 -36.32 -35.28 23.98
N GLY A 624 -35.25 -35.72 23.30
CA GLY A 624 -35.17 -37.03 22.61
C GLY A 624 -35.93 -37.04 21.30
N ALA A 625 -36.26 -35.86 20.76
CA ALA A 625 -36.93 -35.66 19.46
C ALA A 625 -35.86 -35.44 18.39
N PRO A 626 -36.11 -35.80 17.13
CA PRO A 626 -35.08 -35.76 16.10
C PRO A 626 -34.62 -34.32 15.82
N GLN A 627 -33.34 -34.19 15.47
CA GLN A 627 -32.63 -32.95 15.00
C GLN A 627 -33.53 -32.08 14.12
N PRO A 628 -33.95 -30.88 14.60
CA PRO A 628 -34.76 -29.98 13.77
C PRO A 628 -34.05 -29.50 12.50
N ILE A 629 -34.85 -29.02 11.55
CA ILE A 629 -34.42 -28.24 10.36
C ILE A 629 -33.97 -26.85 10.83
N PRO A 630 -33.11 -26.14 10.06
CA PRO A 630 -32.71 -24.78 10.40
C PRO A 630 -33.80 -23.75 10.07
N ARG A 631 -33.91 -22.71 10.89
CA ARG A 631 -35.06 -21.77 10.93
C ARG A 631 -34.61 -20.32 10.67
N LEU A 632 -33.41 -19.96 11.11
CA LEU A 632 -32.89 -18.57 11.11
C LEU A 632 -31.70 -18.49 10.15
N PHE A 633 -31.86 -17.74 9.06
CA PHE A 633 -30.90 -17.62 7.94
C PHE A 633 -30.37 -16.18 7.91
N PHE A 634 -29.21 -15.94 7.30
CA PHE A 634 -28.56 -14.60 7.30
C PHE A 634 -28.04 -14.26 5.91
N ALA A 635 -28.40 -13.06 5.44
CA ALA A 635 -27.89 -12.42 4.20
C ALA A 635 -27.44 -11.00 4.53
N GLY A 636 -26.83 -10.33 3.57
CA GLY A 636 -26.28 -8.97 3.72
C GLY A 636 -24.81 -8.92 3.37
N GLU A 637 -24.31 -7.72 3.07
CA GLU A 637 -22.91 -7.47 2.61
C GLU A 637 -21.92 -8.11 3.61
N HIS A 638 -22.24 -8.13 4.91
CA HIS A 638 -21.39 -8.73 5.98
C HIS A 638 -21.41 -10.27 5.94
N THR A 639 -22.11 -10.90 5.00
CA THR A 639 -22.27 -12.39 4.95
C THR A 639 -21.55 -12.99 3.72
N ILE A 640 -21.01 -12.15 2.84
CA ILE A 640 -20.42 -12.64 1.57
C ILE A 640 -18.93 -12.28 1.52
N ARG A 641 -18.14 -13.29 1.91
CA ARG A 641 -16.67 -13.25 2.08
C ARG A 641 -15.98 -12.69 0.83
N ASN A 642 -16.46 -13.01 -0.37
CA ASN A 642 -15.76 -12.72 -1.64
C ASN A 642 -16.19 -11.38 -2.24
N TYR A 643 -17.27 -10.75 -1.76
CA TYR A 643 -17.80 -9.47 -2.30
C TYR A 643 -18.35 -8.60 -1.16
N PRO A 644 -17.64 -8.51 -0.01
CA PRO A 644 -18.16 -7.76 1.13
C PRO A 644 -18.31 -6.27 0.82
N ALA A 645 -19.18 -5.60 1.57
CA ALA A 645 -19.34 -4.13 1.62
C ALA A 645 -19.74 -3.55 0.26
N THR A 646 -20.45 -4.31 -0.58
CA THR A 646 -20.88 -3.85 -1.92
C THR A 646 -22.36 -4.15 -2.13
N VAL A 647 -22.98 -3.56 -3.15
CA VAL A 647 -24.38 -3.85 -3.55
C VAL A 647 -24.40 -5.24 -4.21
N HIS A 648 -23.49 -5.48 -5.14
CA HIS A 648 -23.38 -6.81 -5.81
C HIS A 648 -23.23 -7.90 -4.74
N GLY A 649 -22.53 -7.60 -3.64
CA GLY A 649 -22.36 -8.55 -2.53
C GLY A 649 -23.69 -8.86 -1.87
N ALA A 650 -24.45 -7.81 -1.53
CA ALA A 650 -25.78 -7.94 -0.90
C ALA A 650 -26.67 -8.77 -1.84
N LEU A 651 -26.85 -8.31 -3.08
CA LEU A 651 -27.56 -9.00 -4.19
C LEU A 651 -27.22 -10.49 -4.13
N LEU A 652 -25.95 -10.84 -4.21
CA LEU A 652 -25.51 -12.25 -4.33
C LEU A 652 -25.83 -13.02 -3.04
N SER A 653 -25.78 -12.36 -1.88
CA SER A 653 -26.05 -12.99 -0.56
C SER A 653 -27.52 -13.37 -0.46
N GLY A 654 -28.41 -12.49 -0.91
CA GLY A 654 -29.86 -12.75 -1.02
C GLY A 654 -30.13 -13.98 -1.86
N LEU A 655 -29.57 -14.04 -3.07
CA LEU A 655 -29.79 -15.13 -4.05
C LEU A 655 -29.37 -16.45 -3.41
N ARG A 656 -28.23 -16.45 -2.71
CA ARG A 656 -27.64 -17.61 -1.98
C ARG A 656 -28.63 -18.16 -0.96
N GLU A 657 -29.17 -17.32 -0.08
CA GLU A 657 -30.09 -17.72 1.02
C GLU A 657 -31.42 -18.20 0.44
N ALA A 658 -31.96 -17.52 -0.58
CA ALA A 658 -33.19 -17.94 -1.28
C ALA A 658 -33.04 -19.40 -1.72
N GLY A 659 -31.90 -19.74 -2.32
CA GLY A 659 -31.59 -21.12 -2.75
C GLY A 659 -31.48 -22.08 -1.58
N ARG A 660 -30.83 -21.65 -0.50
CA ARG A 660 -30.57 -22.48 0.71
C ARG A 660 -31.90 -22.75 1.41
N ILE A 661 -32.80 -21.76 1.45
CA ILE A 661 -34.16 -21.87 2.07
C ILE A 661 -35.05 -22.75 1.19
N ALA A 662 -35.11 -22.51 -0.11
CA ALA A 662 -35.91 -23.32 -1.07
C ALA A 662 -35.46 -24.78 -0.96
N ASP A 663 -34.16 -25.05 -1.00
CA ASP A 663 -33.58 -26.43 -0.89
C ASP A 663 -34.14 -27.10 0.37
N GLN A 664 -34.33 -26.34 1.44
CA GLN A 664 -34.73 -26.83 2.80
C GLN A 664 -36.23 -27.11 2.85
N PHE A 665 -37.05 -26.18 2.33
CA PHE A 665 -38.51 -26.13 2.60
C PHE A 665 -39.33 -26.57 1.38
N LEU A 666 -38.71 -26.67 0.20
CA LEU A 666 -39.37 -27.19 -1.04
C LEU A 666 -38.66 -28.44 -1.53
N GLY A 667 -37.51 -28.80 -0.94
CA GLY A 667 -36.68 -29.95 -1.36
C GLY A 667 -35.85 -29.62 -2.60
N ALA A 668 -34.70 -30.29 -2.75
CA ALA A 668 -33.68 -30.09 -3.81
C ALA A 668 -33.97 -31.00 -5.01
N LYS B 9 11.50 -10.78 -1.46
CA LYS B 9 11.07 -9.91 -2.59
C LYS B 9 10.55 -8.55 -2.10
N PRO B 10 11.34 -7.72 -1.37
CA PRO B 10 10.89 -6.39 -0.94
C PRO B 10 10.72 -5.44 -2.12
N PRO B 11 9.95 -4.33 -1.99
CA PRO B 11 9.82 -3.36 -3.07
C PRO B 11 11.12 -2.57 -3.27
N LYS B 12 11.38 -2.14 -4.51
CA LYS B 12 12.52 -1.25 -4.85
C LYS B 12 12.29 0.09 -4.13
N GLY B 13 13.34 0.59 -3.45
CA GLY B 13 13.30 1.85 -2.69
C GLY B 13 12.54 1.72 -1.39
N MET B 14 12.51 0.51 -0.83
CA MET B 14 12.04 0.20 0.54
C MET B 14 13.10 -0.70 1.17
N PHE B 15 13.45 -0.48 2.44
CA PHE B 15 14.47 -1.28 3.19
C PHE B 15 13.81 -1.83 4.46
N LEU B 16 13.78 -3.15 4.60
CA LEU B 16 12.97 -3.90 5.61
C LEU B 16 13.67 -5.22 5.95
N SER B 17 14.61 -5.22 6.90
CA SER B 17 15.29 -6.44 7.39
C SER B 17 14.55 -6.95 8.63
N GLN B 18 14.61 -8.26 8.87
CA GLN B 18 14.01 -8.92 10.07
C GLN B 18 14.51 -8.19 11.34
N GLU B 19 15.82 -7.94 11.41
CA GLU B 19 16.54 -7.30 12.55
C GLU B 19 15.93 -5.93 12.87
N ASP B 20 15.79 -5.07 11.86
CA ASP B 20 15.35 -3.65 11.99
C ASP B 20 13.89 -3.61 12.48
N VAL B 21 13.05 -4.47 11.91
CA VAL B 21 11.60 -4.62 12.27
C VAL B 21 11.49 -4.96 13.76
N GLU B 22 12.20 -6.00 14.19
CA GLU B 22 12.23 -6.49 15.60
C GLU B 22 12.71 -5.38 16.54
N ALA B 23 13.64 -4.54 16.07
CA ALA B 23 14.30 -3.47 16.85
C ALA B 23 13.39 -2.25 17.03
N VAL B 24 12.48 -2.00 16.09
CA VAL B 24 11.46 -0.92 16.18
C VAL B 24 10.21 -1.46 16.89
N SER B 25 9.97 -2.77 16.80
CA SER B 25 8.83 -3.50 17.42
C SER B 25 9.08 -3.77 18.91
N ALA B 26 10.32 -4.14 19.28
CA ALA B 26 10.74 -4.64 20.61
C ALA B 26 10.12 -3.85 21.76
N ASN B 27 10.00 -2.52 21.61
CA ASN B 27 9.55 -1.59 22.69
C ASN B 27 8.42 -0.71 22.16
N ALA B 28 7.80 0.11 23.02
CA ALA B 28 6.70 1.04 22.70
C ALA B 28 7.24 2.42 22.31
N THR B 29 8.52 2.69 22.60
CA THR B 29 9.24 3.95 22.25
C THR B 29 10.59 3.64 21.59
N ALA B 30 10.84 2.38 21.21
CA ALA B 30 12.08 1.92 20.54
C ALA B 30 12.28 2.70 19.24
N ALA B 31 11.21 2.89 18.47
CA ALA B 31 11.20 3.67 17.21
C ALA B 31 11.89 5.02 17.45
N THR B 32 11.29 5.88 18.29
CA THR B 32 11.75 7.27 18.59
C THR B 32 13.15 7.25 19.19
N THR B 33 13.47 6.24 20.03
CA THR B 33 14.80 6.04 20.66
C THR B 33 15.85 5.78 19.58
N VAL B 34 15.67 4.74 18.77
CA VAL B 34 16.61 4.33 17.67
C VAL B 34 16.89 5.53 16.76
N LEU B 35 15.89 6.36 16.47
CA LEU B 35 16.02 7.52 15.53
C LEU B 35 16.89 8.61 16.16
N ARG B 36 16.75 8.89 17.47
CA ARG B 36 17.56 9.96 18.15
C ARG B 36 19.01 9.48 18.31
N GLN B 37 19.22 8.21 18.65
CA GLN B 37 20.56 7.56 18.73
C GLN B 37 21.38 7.91 17.48
N LEU B 38 20.72 7.85 16.31
CA LEU B 38 21.34 8.15 14.99
C LEU B 38 21.47 9.67 14.81
N ASP B 39 20.48 10.45 15.24
CA ASP B 39 20.48 11.93 15.15
C ASP B 39 21.69 12.48 15.94
N MET B 40 21.93 11.94 17.14
CA MET B 40 23.07 12.32 18.01
C MET B 40 24.38 11.83 17.36
N GLU B 41 24.42 10.56 16.93
CA GLU B 41 25.55 9.94 16.20
C GLU B 41 25.93 10.80 14.99
N LEU B 42 24.94 11.37 14.30
CA LEU B 42 25.15 12.18 13.07
C LEU B 42 25.79 13.51 13.45
N VAL B 43 25.33 14.14 14.54
CA VAL B 43 25.87 15.42 15.09
C VAL B 43 27.34 15.21 15.49
N SER B 44 27.65 14.08 16.15
CA SER B 44 29.00 13.71 16.66
C SER B 44 30.00 13.51 15.49
N VAL B 45 29.53 13.03 14.34
CA VAL B 45 30.38 12.83 13.14
C VAL B 45 30.55 14.16 12.41
N LYS B 46 29.57 15.06 12.47
CA LYS B 46 29.61 16.36 11.77
C LYS B 46 30.53 17.33 12.52
N ARG B 47 30.58 17.25 13.86
CA ARG B 47 31.50 18.09 14.68
C ARG B 47 32.93 17.57 14.52
N GLN B 48 33.12 16.24 14.41
CA GLN B 48 34.44 15.60 14.17
C GLN B 48 34.98 16.04 12.80
N ILE B 49 34.10 16.34 11.83
CA ILE B 49 34.51 16.85 10.49
C ILE B 49 35.05 18.28 10.67
N GLN B 50 34.28 19.18 11.28
CA GLN B 50 34.65 20.61 11.49
C GLN B 50 36.04 20.67 12.14
N ASN B 51 36.23 19.86 13.19
CA ASN B 51 37.49 19.77 13.97
C ASN B 51 38.66 19.44 13.02
N ILE B 52 38.59 18.30 12.33
CA ILE B 52 39.72 17.70 11.56
C ILE B 52 39.98 18.49 10.28
N LYS B 53 39.02 19.29 9.81
CA LYS B 53 39.20 20.12 8.59
C LYS B 53 39.65 21.53 8.99
N GLN B 54 39.52 21.89 10.27
CA GLN B 54 40.15 23.10 10.86
C GLN B 54 41.62 22.78 11.20
N THR B 55 41.89 21.59 11.74
CA THR B 55 43.24 21.00 11.93
C THR B 55 43.97 20.97 10.58
N ASN B 56 43.29 20.56 9.50
CA ASN B 56 43.91 20.35 8.17
C ASN B 56 44.11 21.69 7.46
N SER B 57 43.26 22.68 7.74
CA SER B 57 43.39 24.07 7.25
C SER B 57 44.70 24.68 7.79
N ALA B 58 45.01 24.40 9.05
CA ALA B 58 46.21 24.88 9.78
C ALA B 58 47.48 24.26 9.18
N LEU B 59 47.48 22.97 8.82
CA LEU B 59 48.66 22.28 8.25
C LEU B 59 48.88 22.76 6.81
N LYS B 60 47.82 22.96 6.02
CA LYS B 60 47.90 23.49 4.64
C LYS B 60 48.51 24.91 4.69
N GLU B 61 48.30 25.62 5.80
CA GLU B 61 48.87 26.97 6.08
C GLU B 61 50.40 26.86 6.26
N LYS B 62 50.86 25.97 7.15
CA LYS B 62 52.29 25.78 7.50
C LYS B 62 53.08 25.27 6.28
N LEU B 63 52.39 24.79 5.23
CA LEU B 63 53.01 24.31 3.96
C LEU B 63 53.01 25.41 2.90
N ASP B 64 52.57 26.64 3.23
CA ASP B 64 52.40 27.74 2.25
C ASP B 64 53.75 28.09 1.61
N GLY B 65 53.86 27.91 0.30
CA GLY B 65 55.07 28.19 -0.50
C GLY B 65 55.67 26.92 -1.11
N GLY B 66 55.21 25.75 -0.66
CA GLY B 66 55.75 24.44 -1.07
C GLY B 66 57.22 24.34 -0.70
N ILE B 67 58.01 23.70 -1.57
CA ILE B 67 59.48 23.51 -1.38
C ILE B 67 60.22 24.13 -2.56
N GLU B 68 59.62 25.12 -3.22
CA GLU B 68 60.20 25.76 -4.44
C GLU B 68 61.42 26.58 -4.06
N PRO B 69 61.43 27.29 -2.91
CA PRO B 69 62.64 27.98 -2.44
C PRO B 69 63.85 27.07 -2.19
N TYR B 70 63.64 25.79 -1.92
CA TYR B 70 64.67 24.82 -1.48
C TYR B 70 64.93 23.79 -2.60
N ARG B 71 64.45 24.06 -3.81
CA ARG B 71 64.55 23.14 -4.98
C ARG B 71 65.81 23.51 -5.78
N LEU B 72 66.68 22.53 -6.04
CA LEU B 72 67.98 22.75 -6.73
C LEU B 72 67.89 22.25 -8.17
N PRO B 73 68.47 22.97 -9.15
CA PRO B 73 68.43 22.55 -10.56
C PRO B 73 69.01 21.14 -10.79
N GLU B 74 68.67 20.55 -11.93
CA GLU B 74 69.05 19.16 -12.32
C GLU B 74 70.39 19.19 -13.07
N VAL B 75 71.28 18.24 -12.74
CA VAL B 75 72.61 18.05 -13.40
C VAL B 75 72.40 17.14 -14.61
N ILE B 76 72.85 17.57 -15.80
CA ILE B 76 72.67 16.85 -17.10
C ILE B 76 73.96 16.11 -17.47
N GLN B 77 74.79 15.73 -16.48
CA GLN B 77 76.17 15.18 -16.68
C GLN B 77 76.11 13.82 -17.40
N LYS B 78 76.87 13.68 -18.50
CA LYS B 78 76.88 12.50 -19.39
C LYS B 78 77.74 11.39 -18.78
N CYS B 79 77.13 10.28 -18.39
CA CYS B 79 77.79 9.08 -17.81
C CYS B 79 79.06 8.74 -18.59
N ASN B 80 80.18 8.49 -17.89
CA ASN B 80 81.53 8.23 -18.44
C ASN B 80 82.06 6.90 -17.90
N ALA B 81 82.92 6.20 -18.66
CA ALA B 81 83.43 4.84 -18.35
C ALA B 81 84.78 4.92 -17.62
N ARG B 82 85.57 5.97 -17.85
CA ARG B 82 86.92 6.19 -17.25
C ARG B 82 86.76 6.68 -15.80
N TRP B 83 87.27 5.92 -14.82
CA TRP B 83 87.24 6.23 -13.37
C TRP B 83 88.42 7.13 -12.99
N THR B 84 88.17 8.41 -12.67
CA THR B 84 89.20 9.35 -12.13
C THR B 84 89.41 9.04 -10.66
N THR B 85 90.53 9.52 -10.09
CA THR B 85 90.88 9.35 -8.66
C THR B 85 89.85 10.10 -7.81
N GLU B 86 89.40 11.27 -8.27
CA GLU B 86 88.30 12.07 -7.65
C GLU B 86 87.08 11.14 -7.45
N GLU B 87 86.65 10.51 -8.55
CA GLU B 87 85.45 9.64 -8.61
C GLU B 87 85.64 8.42 -7.69
N GLN B 88 86.83 7.80 -7.71
CA GLN B 88 87.16 6.65 -6.83
C GLN B 88 86.96 7.04 -5.37
N LEU B 89 87.38 8.26 -5.00
CA LEU B 89 87.38 8.73 -3.59
C LEU B 89 85.97 9.15 -3.19
N LEU B 90 85.23 9.84 -4.07
CA LEU B 90 83.78 10.12 -3.89
C LEU B 90 83.06 8.80 -3.58
N ALA B 91 83.36 7.75 -4.36
CA ALA B 91 82.73 6.41 -4.27
C ALA B 91 82.98 5.81 -2.88
N VAL B 92 84.24 5.68 -2.47
CA VAL B 92 84.62 5.06 -1.16
C VAL B 92 83.84 5.76 -0.03
N GLN B 93 83.67 7.08 -0.11
CA GLN B 93 82.97 7.88 0.92
C GLN B 93 81.45 7.67 0.81
N ALA B 94 80.96 7.48 -0.41
CA ALA B 94 79.53 7.16 -0.70
C ALA B 94 79.20 5.78 -0.14
N ILE B 95 80.06 4.79 -0.37
CA ILE B 95 79.99 3.42 0.21
C ILE B 95 79.96 3.56 1.74
N ARG B 96 80.67 4.54 2.29
CA ARG B 96 80.82 4.75 3.76
C ARG B 96 79.53 5.34 4.34
N LYS B 97 78.91 6.32 3.65
CA LYS B 97 77.72 7.07 4.16
C LYS B 97 76.45 6.28 3.85
N TYR B 98 76.31 5.82 2.61
CA TYR B 98 75.24 4.90 2.15
C TYR B 98 75.78 3.46 2.26
N GLY B 99 74.94 2.45 2.06
CA GLY B 99 75.34 1.03 2.24
C GLY B 99 75.66 0.38 0.91
N ARG B 100 74.73 -0.44 0.42
CA ARG B 100 74.76 -1.07 -0.93
C ARG B 100 73.75 -0.36 -1.83
N ASP B 101 73.25 0.81 -1.42
CA ASP B 101 72.30 1.64 -2.20
C ASP B 101 73.05 2.14 -3.45
N PHE B 102 73.23 1.28 -4.44
CA PHE B 102 74.02 1.54 -5.68
C PHE B 102 73.45 2.77 -6.40
N GLN B 103 72.16 3.06 -6.22
CA GLN B 103 71.44 4.16 -6.91
C GLN B 103 71.95 5.51 -6.37
N ALA B 104 71.89 5.69 -5.04
CA ALA B 104 72.37 6.90 -4.32
C ALA B 104 73.83 7.17 -4.70
N ILE B 105 74.67 6.14 -4.63
CA ILE B 105 76.14 6.23 -4.88
C ILE B 105 76.39 6.76 -6.31
N SER B 106 75.63 6.27 -7.29
CA SER B 106 75.64 6.76 -8.69
C SER B 106 75.23 8.23 -8.74
N ASP B 107 74.18 8.61 -8.02
CA ASP B 107 73.63 9.99 -7.99
C ASP B 107 74.71 10.95 -7.47
N VAL B 108 75.43 10.54 -6.42
CA VAL B 108 76.52 11.35 -5.76
C VAL B 108 77.62 11.63 -6.78
N ILE B 109 78.16 10.58 -7.41
CA ILE B 109 79.33 10.65 -8.34
C ILE B 109 78.93 11.44 -9.58
N GLY B 110 77.71 11.23 -10.10
CA GLY B 110 77.06 12.11 -11.09
C GLY B 110 77.37 11.77 -12.54
N ASN B 111 78.29 10.82 -12.77
CA ASN B 111 78.67 10.34 -14.13
C ASN B 111 79.15 8.89 -14.03
N LYS B 112 78.39 8.06 -13.31
CA LYS B 112 78.59 6.59 -13.23
C LYS B 112 77.22 5.92 -13.10
N SER B 113 76.87 5.04 -14.05
CA SER B 113 75.63 4.22 -14.07
C SER B 113 75.67 3.22 -12.91
N VAL B 114 74.51 2.68 -12.56
CA VAL B 114 74.30 1.75 -11.40
C VAL B 114 75.11 0.47 -11.64
N VAL B 115 75.31 0.11 -12.92
CA VAL B 115 76.10 -1.08 -13.38
C VAL B 115 77.56 -0.90 -12.97
N GLN B 116 78.17 0.23 -13.38
CA GLN B 116 79.60 0.57 -13.14
C GLN B 116 79.89 0.62 -11.63
N VAL B 117 78.95 1.16 -10.85
CA VAL B 117 79.00 1.18 -9.36
C VAL B 117 79.05 -0.27 -8.86
N LYS B 118 78.16 -1.13 -9.38
CA LYS B 118 78.07 -2.58 -9.05
C LYS B 118 79.40 -3.25 -9.43
N ASN B 119 79.95 -2.94 -10.62
CA ASN B 119 81.27 -3.42 -11.10
C ASN B 119 82.36 -3.02 -10.11
N PHE B 120 82.57 -1.70 -9.96
CA PHE B 120 83.54 -1.05 -9.05
C PHE B 120 83.61 -1.81 -7.71
N PHE B 121 82.45 -2.19 -7.18
CA PHE B 121 82.27 -2.81 -5.84
C PHE B 121 83.07 -4.11 -5.68
N VAL B 122 83.50 -4.74 -6.78
CA VAL B 122 84.31 -6.00 -6.74
C VAL B 122 85.70 -5.75 -7.35
N ASN B 123 85.79 -4.97 -8.43
CA ASN B 123 87.07 -4.64 -9.11
C ASN B 123 88.08 -4.10 -8.09
N TYR B 124 87.68 -3.07 -7.34
CA TYR B 124 88.54 -2.29 -6.40
C TYR B 124 88.43 -2.86 -4.99
N ARG B 125 87.51 -3.82 -4.77
CA ARG B 125 87.15 -4.37 -3.44
C ARG B 125 88.40 -4.63 -2.58
N ARG B 126 89.46 -5.19 -3.16
CA ARG B 126 90.70 -5.55 -2.43
C ARG B 126 91.43 -4.27 -2.02
N ARG B 127 91.56 -3.33 -2.97
CA ARG B 127 92.46 -2.14 -2.89
C ARG B 127 91.84 -1.04 -2.03
N PHE B 128 90.51 -0.91 -2.01
CA PHE B 128 89.77 0.10 -1.18
C PHE B 128 89.09 -0.57 0.01
N ASN B 129 89.53 -1.77 0.40
CA ASN B 129 89.08 -2.50 1.61
C ASN B 129 87.56 -2.38 1.80
N ILE B 130 86.78 -2.54 0.72
CA ILE B 130 85.31 -2.22 0.69
C ILE B 130 84.58 -3.04 1.77
N ASP B 131 85.06 -4.26 2.07
CA ASP B 131 84.49 -5.12 3.14
C ASP B 131 84.55 -4.36 4.48
N GLU B 132 85.73 -3.82 4.83
CA GLU B 132 85.97 -3.01 6.06
C GLU B 132 85.04 -1.79 6.06
N VAL B 133 84.89 -1.12 4.91
CA VAL B 133 84.11 0.15 4.76
C VAL B 133 82.63 -0.15 5.04
N LEU B 134 82.11 -1.29 4.56
CA LEU B 134 80.71 -1.72 4.77
C LEU B 134 80.48 -2.05 6.26
N GLN B 135 81.43 -2.74 6.91
CA GLN B 135 81.40 -3.08 8.35
C GLN B 135 81.24 -1.81 9.20
N GLU B 136 81.96 -0.74 8.83
CA GLU B 136 81.92 0.59 9.51
C GLU B 136 80.55 1.24 9.32
N TRP B 137 79.92 1.06 8.14
CA TRP B 137 78.58 1.61 7.82
C TRP B 137 77.49 0.86 8.60
N GLU B 138 77.69 -0.43 8.86
CA GLU B 138 76.71 -1.32 9.56
C GLU B 138 76.72 -0.99 11.06
N ALA B 139 77.88 -0.67 11.63
CA ALA B 139 78.09 -0.34 13.06
C ALA B 139 77.24 0.88 13.47
N GLU B 140 77.15 1.90 12.60
CA GLU B 140 76.32 3.11 12.80
C GLU B 140 75.06 2.99 11.92
N PRO C 1 -13.86 -1.76 0.82
CA PRO C 1 -12.61 -2.54 0.60
C PRO C 1 -11.72 -1.91 -0.49
N ARG C 2 -10.67 -2.62 -0.92
CA ARG C 2 -9.68 -2.11 -1.90
C ARG C 2 -10.41 -1.54 -3.12
N SER C 3 -11.35 -2.29 -3.70
CA SER C 3 -12.17 -1.94 -4.91
C SER C 3 -12.55 -0.46 -4.93
N PHE C 4 -12.87 0.14 -3.78
CA PHE C 4 -13.49 1.50 -3.70
C PHE C 4 -12.42 2.59 -3.83
N LEU C 5 -11.13 2.27 -3.69
CA LEU C 5 -10.00 3.23 -3.85
C LEU C 5 -10.16 4.01 -5.16
N VAL C 6 -9.86 5.31 -5.11
CA VAL C 6 -9.82 6.18 -6.32
C VAL C 6 -8.39 6.21 -6.84
N ARG C 7 -8.19 6.62 -8.11
CA ARG C 7 -6.87 6.85 -8.75
C ARG C 7 -6.09 5.52 -8.92
N ARG C 8 -6.80 4.40 -9.04
CA ARG C 8 -6.17 3.06 -9.20
C ARG C 8 -5.61 2.92 -10.61
PA FAD D . -29.18 -2.65 3.97
O1A FAD D . -28.81 -1.84 5.17
O2A FAD D . -29.20 -2.04 2.61
O5B FAD D . -30.60 -3.36 4.22
C5B FAD D . -31.00 -3.79 5.55
C4B FAD D . -32.38 -3.23 5.85
O4B FAD D . -32.72 -3.55 7.23
C3B FAD D . -32.51 -1.70 5.74
O3B FAD D . -33.53 -1.37 4.80
C2B FAD D . -32.83 -1.25 7.18
O2B FAD D . -33.66 -0.11 7.27
C1B FAD D . -33.51 -2.50 7.73
N9A FAD D . -33.58 -2.62 9.19
C8A FAD D . -32.62 -2.27 10.11
N7A FAD D . -32.98 -2.51 11.35
C5A FAD D . -34.27 -3.04 11.24
C6A FAD D . -35.19 -3.50 12.20
N6A FAD D . -34.96 -3.49 13.51
N1A FAD D . -36.37 -3.99 11.74
C2A FAD D . -36.59 -3.99 10.41
N3A FAD D . -35.79 -3.57 9.43
C4A FAD D . -34.64 -3.11 9.91
N1 FAD D . -21.55 -0.51 -2.40
C2 FAD D . -21.20 -0.53 -3.70
O2 FAD D . -21.28 -1.55 -4.37
N3 FAD D . -20.69 0.58 -4.31
C4 FAD D . -20.54 1.77 -3.65
O4 FAD D . -20.11 2.75 -4.26
C4X FAD D . -20.97 1.84 -2.32
N5 FAD D . -20.87 2.99 -1.69
C5X FAD D . -21.37 3.05 -0.41
C6 FAD D . -21.35 4.30 0.23
C7 FAD D . -21.87 4.46 1.49
C7M FAD D . -21.85 5.83 2.14
C8 FAD D . -22.43 3.34 2.16
C8M FAD D . -23.03 3.48 3.53
C9 FAD D . -22.40 2.10 1.55
C9A FAD D . -21.90 1.93 0.25
N10 FAD D . -21.91 0.71 -0.43
C10 FAD D . -21.48 0.63 -1.75
C1' FAD D . -22.44 -0.50 0.23
C2' FAD D . -23.89 -0.82 -0.05
O2' FAD D . -24.72 0.31 0.19
C3' FAD D . -24.27 -1.97 0.89
O3' FAD D . -23.26 -2.98 0.90
C4' FAD D . -25.60 -2.66 0.58
O4' FAD D . -26.61 -1.72 0.18
C5' FAD D . -26.07 -3.43 1.79
O5' FAD D . -27.35 -4.02 1.56
P FAD D . -27.95 -4.97 2.70
O1P FAD D . -29.26 -5.44 2.15
O2P FAD D . -26.92 -5.95 3.16
O3P FAD D . -28.20 -3.91 3.89
C1 GOL E . -0.93 5.35 9.39
O1 GOL E . -2.34 5.41 9.41
C2 GOL E . -0.32 6.68 8.99
O2 GOL E . -0.85 7.71 9.83
C3 GOL E . 1.19 6.66 9.02
O3 GOL E . 1.71 6.47 10.33
C1 GOL F . -28.78 9.54 6.22
O1 GOL F . -27.86 9.64 7.30
C2 GOL F . -29.03 8.09 5.84
O2 GOL F . -29.50 7.37 6.97
C3 GOL F . -29.97 7.92 4.66
O3 GOL F . -31.28 8.43 4.93
#